data_7V5D
#
_entry.id   7V5D
#
_cell.length_a   1.00
_cell.length_b   1.00
_cell.length_c   1.00
_cell.angle_alpha   90.00
_cell.angle_beta   90.00
_cell.angle_gamma   90.00
#
_symmetry.space_group_name_H-M   'P 1'
#
loop_
_entity.id
_entity.type
_entity.pdbx_description
1 polymer 'ABC-type oligopeptide transporter ABCB9'
2 non-polymer '(1S)-2-{[{[(2R)-2,3-DIHYDROXYPROPYL]OXY}(HYDROXY)PHOSPHORYL]OXY}-1-[(PALMITOYLOXY)METHYL]ETHYL STEARATE'
#
_entity_poly.entity_id   1
_entity_poly.type   'polypeptide(L)'
_entity_poly.pdbx_seq_one_letter_code
;MRLWKAVVVTLAFVSTDVGVTTAIYAFSHLDRSLLEDIRHFNIFDSVLDLWAACLYRSCLLLGATIGVAKNSALGPRRLR
ASWLVITLVCLFVGIYAMAKLLLFSEVRRPIRDPWFWALFVWTYISLAASFLLWGLLATVRPDAEALEPGNEGFHGEGGA
PAEQASGATLQKLLSYTKPDVAFLVAASFFLIVAALGETFLPYYTGRAIDSIVIQKSMDQFTTAVVVVCLLAIGSSLAAG
IRGGIFTLVFARLNIRLRNCLFRSLVSQETSFFDENRTGDLISRLTSDTTMVSDLVSQNINIFLRNTVKVTGVVVFMFSL
SWQLSLVTFMGFPIIMMVSNIYGKYYKRLSKEVQSALARASTTAEETISAMKTVRSFANEEEEAEVFLRKLQQVYKLNRK
EAAAYMSYVWGSGLTLLVVQVSILYYGGHLVISGQMSSGNLIAFIIYEFVLGDCMESVGSVYSGLMQGVGAAEKVFEFID
RQPTMVHDGSLAPDHLEGRVDFENVTFTYRTRPHTQVLQNVSFSLSPGKVTALVGPSGSGKSSCVNILENFYPLQGGRVL
LDGKPIGAYDHKYLHRVISLVSQEPVLFARSITDNISYGLPTVPFEMVVEAAQKANAHGFIMELQDGYSTETGEKGAQLS
GGQKQRVAMARALVRNPPVLILDEATSALDAESEYLIQQAIHGNLQRHTVLIIAHRLSTVERAHLIVVLDKGRVVQQGTH
QQLLAQGGLYAKLVQRQMLGLEHPLDYTASHKEPPSNTEHKA
;
_entity_poly.pdbx_strand_id   A,B
#
loop_
_chem_comp.id
_chem_comp.type
_chem_comp.name
_chem_comp.formula
PGT non-polymer '(1S)-2-{[{[(2R)-2,3-DIHYDROXYPROPYL]OXY}(HYDROXY)PHOSPHORYL]OXY}-1-[(PALMITOYLOXY)METHYL]ETHYL STEARATE' 'C40 H79 O10 P'
#
# COMPACT_ATOMS: atom_id res chain seq x y z
N THR A 169 -21.28 -14.51 10.12
CA THR A 169 -22.22 -15.06 11.08
C THR A 169 -22.50 -14.09 12.21
N LEU A 170 -23.35 -14.50 13.14
CA LEU A 170 -23.67 -13.67 14.29
C LEU A 170 -23.63 -14.46 15.58
N GLN A 171 -23.88 -15.77 15.50
CA GLN A 171 -24.08 -16.55 16.72
C GLN A 171 -22.78 -16.67 17.51
N LYS A 172 -21.70 -17.06 16.84
CA LYS A 172 -20.43 -17.14 17.53
C LYS A 172 -19.98 -15.77 18.00
N LEU A 173 -20.21 -14.74 17.18
CA LEU A 173 -19.84 -13.38 17.57
C LEU A 173 -20.55 -12.99 18.86
N LEU A 174 -21.78 -13.43 19.04
CA LEU A 174 -22.42 -13.27 20.34
C LEU A 174 -21.75 -14.14 21.39
N SER A 175 -21.33 -15.35 21.01
CA SER A 175 -20.71 -16.24 21.99
C SER A 175 -19.33 -15.78 22.42
N TYR A 176 -18.75 -14.79 21.77
CA TYR A 176 -17.51 -14.19 22.22
C TYR A 176 -17.74 -12.88 22.96
N THR A 177 -19.00 -12.53 23.22
CA THR A 177 -19.31 -11.44 24.12
C THR A 177 -19.88 -11.91 25.44
N LYS A 178 -20.21 -13.19 25.57
CA LYS A 178 -20.84 -13.77 26.75
C LYS A 178 -20.20 -13.39 28.09
N PRO A 179 -18.88 -13.22 28.21
CA PRO A 179 -18.37 -12.72 29.49
C PRO A 179 -18.59 -11.24 29.72
N ASP A 180 -19.18 -10.51 28.77
CA ASP A 180 -19.31 -9.07 28.87
C ASP A 180 -20.76 -8.62 29.07
N VAL A 181 -21.63 -9.49 29.59
CA VAL A 181 -23.03 -9.14 29.66
C VAL A 181 -23.27 -8.02 30.65
N ALA A 182 -22.47 -7.94 31.71
CA ALA A 182 -22.64 -6.88 32.69
C ALA A 182 -22.37 -5.52 32.06
N PHE A 183 -21.22 -5.39 31.40
CA PHE A 183 -20.88 -4.15 30.74
C PHE A 183 -21.90 -3.81 29.67
N LEU A 184 -22.38 -4.82 28.95
CA LEU A 184 -23.33 -4.54 27.88
C LEU A 184 -24.66 -4.03 28.42
N VAL A 185 -25.18 -4.63 29.49
CA VAL A 185 -26.48 -4.16 29.97
C VAL A 185 -26.35 -2.79 30.60
N ALA A 186 -25.23 -2.52 31.27
CA ALA A 186 -25.06 -1.18 31.84
C ALA A 186 -24.98 -0.12 30.76
N ALA A 187 -24.15 -0.35 29.75
CA ALA A 187 -24.02 0.63 28.69
C ALA A 187 -25.30 0.79 27.90
N SER A 188 -26.05 -0.29 27.71
CA SER A 188 -27.30 -0.18 26.95
C SER A 188 -28.32 0.66 27.70
N PHE A 189 -28.43 0.45 29.01
CA PHE A 189 -29.36 1.26 29.79
C PHE A 189 -28.97 2.73 29.74
N PHE A 190 -27.68 3.03 29.82
CA PHE A 190 -27.33 4.45 29.80
C PHE A 190 -27.50 5.05 28.41
N LEU A 191 -27.38 4.25 27.36
CA LEU A 191 -27.70 4.74 26.02
C LEU A 191 -29.17 5.13 25.93
N ILE A 192 -30.04 4.29 26.48
CA ILE A 192 -31.47 4.61 26.47
C ILE A 192 -31.74 5.93 27.18
N VAL A 193 -31.10 6.14 28.34
CA VAL A 193 -31.34 7.38 29.07
C VAL A 193 -30.85 8.59 28.29
N ALA A 194 -29.68 8.50 27.66
CA ALA A 194 -29.18 9.65 26.91
C ALA A 194 -30.10 10.00 25.74
N ALA A 195 -30.57 8.99 25.02
CA ALA A 195 -31.44 9.29 23.88
C ALA A 195 -32.76 9.89 24.34
N LEU A 196 -33.32 9.39 25.46
CA LEU A 196 -34.60 9.93 25.91
C LEU A 196 -34.47 11.39 26.34
N GLY A 197 -33.40 11.74 27.05
CA GLY A 197 -33.23 13.13 27.41
C GLY A 197 -33.10 14.04 26.20
N GLU A 198 -32.26 13.63 25.25
CA GLU A 198 -32.05 14.50 24.10
C GLU A 198 -33.29 14.60 23.21
N THR A 199 -34.19 13.63 23.25
CA THR A 199 -35.42 13.83 22.49
C THR A 199 -36.51 14.53 23.28
N PHE A 200 -36.40 14.61 24.60
CA PHE A 200 -37.36 15.41 25.35
C PHE A 200 -37.01 16.88 25.40
N LEU A 201 -35.79 17.26 25.04
CA LEU A 201 -35.41 18.66 25.17
C LEU A 201 -36.20 19.67 24.33
N PRO A 202 -36.41 19.51 23.02
CA PRO A 202 -36.97 20.62 22.25
C PRO A 202 -38.41 20.93 22.56
N TYR A 203 -39.17 19.98 23.08
CA TYR A 203 -40.52 20.29 23.51
C TYR A 203 -40.51 21.33 24.61
N TYR A 204 -39.61 21.20 25.56
CA TYR A 204 -39.57 22.20 26.62
C TYR A 204 -38.94 23.49 26.14
N THR A 205 -38.07 23.44 25.13
CA THR A 205 -37.64 24.71 24.53
C THR A 205 -38.82 25.46 23.93
N GLY A 206 -39.69 24.73 23.22
CA GLY A 206 -40.88 25.36 22.67
C GLY A 206 -41.80 25.90 23.74
N ARG A 207 -41.89 25.20 24.87
CA ARG A 207 -42.68 25.72 25.98
C ARG A 207 -42.08 26.99 26.56
N ALA A 208 -40.75 27.09 26.58
CA ALA A 208 -40.11 28.31 27.03
C ALA A 208 -40.47 29.49 26.13
N ILE A 209 -40.37 29.29 24.82
CA ILE A 209 -40.71 30.37 23.88
C ILE A 209 -42.18 30.74 24.03
N ASP A 210 -43.03 29.74 24.20
CA ASP A 210 -44.44 29.96 24.50
C ASP A 210 -44.62 30.90 25.69
N SER A 211 -43.91 30.64 26.77
CA SER A 211 -44.08 31.48 27.95
C SER A 211 -43.49 32.87 27.77
N ILE A 212 -42.52 33.04 26.87
CA ILE A 212 -42.06 34.39 26.56
C ILE A 212 -43.16 35.17 25.87
N VAL A 213 -43.74 34.61 24.82
CA VAL A 213 -44.59 35.39 23.92
C VAL A 213 -46.04 35.43 24.40
N ILE A 214 -46.62 34.28 24.75
CA ILE A 214 -48.05 34.21 25.03
C ILE A 214 -48.38 34.91 26.33
N GLN A 215 -47.74 34.50 27.43
CA GLN A 215 -47.99 35.04 28.76
C GLN A 215 -46.69 35.61 29.31
N LYS A 216 -46.42 36.86 28.95
CA LYS A 216 -45.12 37.47 29.18
C LYS A 216 -44.89 37.69 30.66
N SER A 217 -44.09 36.84 31.28
CA SER A 217 -43.84 36.90 32.71
C SER A 217 -42.54 36.19 33.01
N MET A 218 -42.32 35.87 34.28
CA MET A 218 -41.24 34.99 34.69
C MET A 218 -41.78 33.64 35.16
N ASP A 219 -42.82 33.16 34.49
CA ASP A 219 -43.06 31.72 34.43
C ASP A 219 -42.08 31.04 33.50
N GLN A 220 -41.34 31.82 32.71
CA GLN A 220 -40.31 31.26 31.86
C GLN A 220 -39.24 30.58 32.70
N PHE A 221 -38.89 31.20 33.82
CA PHE A 221 -37.75 30.75 34.63
C PHE A 221 -37.89 29.30 35.03
N THR A 222 -39.11 28.85 35.32
CA THR A 222 -39.35 27.44 35.57
C THR A 222 -38.94 26.59 34.39
N THR A 223 -39.24 27.03 33.17
CA THR A 223 -38.93 26.20 32.03
C THR A 223 -37.47 26.28 31.63
N ALA A 224 -36.84 27.44 31.79
CA ALA A 224 -35.40 27.49 31.61
C ALA A 224 -34.70 26.58 32.60
N VAL A 225 -35.22 26.44 33.82
CA VAL A 225 -34.69 25.46 34.76
C VAL A 225 -34.89 24.05 34.25
N VAL A 226 -36.12 23.71 33.86
CA VAL A 226 -36.39 22.33 33.48
C VAL A 226 -35.75 21.96 32.16
N VAL A 227 -35.21 22.93 31.42
CA VAL A 227 -34.33 22.60 30.31
C VAL A 227 -32.89 22.49 30.76
N VAL A 228 -32.38 23.44 31.54
CA VAL A 228 -30.94 23.44 31.78
C VAL A 228 -30.55 22.32 32.73
N CYS A 229 -31.32 22.07 33.78
CA CYS A 229 -30.83 21.09 34.75
C CYS A 229 -31.17 19.69 34.27
N LEU A 230 -32.44 19.32 34.34
CA LEU A 230 -32.79 17.91 34.25
C LEU A 230 -32.43 17.37 32.87
N LEU A 231 -33.01 17.93 31.82
CA LEU A 231 -32.88 17.31 30.52
C LEU A 231 -31.46 17.43 29.97
N ALA A 232 -30.88 18.62 30.02
CA ALA A 232 -29.58 18.80 29.41
C ALA A 232 -28.48 18.10 30.21
N ILE A 233 -28.45 18.30 31.53
CA ILE A 233 -27.41 17.68 32.35
C ILE A 233 -27.54 16.17 32.29
N GLY A 234 -28.76 15.64 32.41
CA GLY A 234 -28.94 14.21 32.33
C GLY A 234 -28.49 13.64 31.00
N SER A 235 -28.85 14.31 29.91
CA SER A 235 -28.43 13.82 28.60
C SER A 235 -26.92 13.81 28.47
N SER A 236 -26.25 14.87 28.91
CA SER A 236 -24.81 14.93 28.71
C SER A 236 -24.08 13.92 29.59
N LEU A 237 -24.50 13.78 30.85
CA LEU A 237 -23.88 12.79 31.73
C LEU A 237 -24.10 11.37 31.22
N ALA A 238 -25.31 11.06 30.77
CA ALA A 238 -25.55 9.71 30.27
C ALA A 238 -24.75 9.45 29.01
N ALA A 239 -24.55 10.45 28.17
CA ALA A 239 -23.72 10.24 26.99
C ALA A 239 -22.27 9.97 27.39
N GLY A 240 -21.78 10.65 28.41
CA GLY A 240 -20.43 10.37 28.87
C GLY A 240 -20.27 8.93 29.35
N ILE A 241 -21.21 8.47 30.17
CA ILE A 241 -21.05 7.13 30.72
C ILE A 241 -21.21 6.07 29.63
N ARG A 242 -22.11 6.32 28.67
CA ARG A 242 -22.25 5.36 27.58
C ARG A 242 -20.98 5.28 26.77
N GLY A 243 -20.36 6.42 26.46
CA GLY A 243 -19.11 6.38 25.72
C GLY A 243 -18.01 5.64 26.45
N GLY A 244 -17.91 5.84 27.76
CA GLY A 244 -16.88 5.16 28.52
C GLY A 244 -17.05 3.65 28.51
N ILE A 245 -18.26 3.18 28.79
CA ILE A 245 -18.43 1.74 28.86
C ILE A 245 -18.32 1.10 27.49
N PHE A 246 -18.68 1.80 26.41
CA PHE A 246 -18.43 1.18 25.12
C PHE A 246 -16.96 1.13 24.75
N THR A 247 -16.16 2.09 25.19
CA THR A 247 -14.72 1.94 24.96
C THR A 247 -14.16 0.72 25.70
N LEU A 248 -14.62 0.49 26.94
CA LEU A 248 -14.15 -0.70 27.64
C LEU A 248 -14.57 -1.98 26.94
N VAL A 249 -15.81 -2.04 26.45
CA VAL A 249 -16.24 -3.25 25.74
C VAL A 249 -15.43 -3.45 24.48
N PHE A 250 -15.12 -2.36 23.77
CA PHE A 250 -14.31 -2.45 22.56
C PHE A 250 -12.96 -3.09 22.84
N ALA A 251 -12.25 -2.58 23.85
CA ALA A 251 -10.92 -3.12 24.11
C ALA A 251 -10.99 -4.56 24.60
N ARG A 252 -11.98 -4.92 25.41
CA ARG A 252 -12.03 -6.29 25.88
C ARG A 252 -12.33 -7.26 24.75
N LEU A 253 -13.23 -6.91 23.84
CA LEU A 253 -13.51 -7.81 22.74
C LEU A 253 -12.33 -7.94 21.81
N ASN A 254 -11.65 -6.82 21.53
CA ASN A 254 -10.47 -6.87 20.68
C ASN A 254 -9.40 -7.78 21.26
N ILE A 255 -9.15 -7.67 22.57
CA ILE A 255 -8.16 -8.51 23.22
C ILE A 255 -8.55 -9.99 23.14
N ARG A 256 -9.80 -10.30 23.43
CA ARG A 256 -10.16 -11.71 23.45
C ARG A 256 -10.07 -12.33 22.07
N LEU A 257 -10.47 -11.60 21.03
CA LEU A 257 -10.35 -12.17 19.70
C LEU A 257 -8.89 -12.36 19.30
N ARG A 258 -8.03 -11.37 19.54
CA ARG A 258 -6.65 -11.53 19.13
C ARG A 258 -5.99 -12.68 19.85
N ASN A 259 -6.24 -12.82 21.15
CA ASN A 259 -5.65 -13.94 21.88
C ASN A 259 -6.12 -15.26 21.32
N CYS A 260 -7.42 -15.42 21.08
CA CYS A 260 -7.87 -16.74 20.64
C CYS A 260 -7.39 -17.05 19.21
N LEU A 261 -7.38 -16.03 18.34
CA LEU A 261 -6.91 -16.25 16.98
C LEU A 261 -5.45 -16.67 16.96
N PHE A 262 -4.58 -15.94 17.66
CA PHE A 262 -3.20 -16.35 17.67
C PHE A 262 -2.99 -17.65 18.44
N ARG A 263 -3.88 -17.99 19.36
CA ARG A 263 -3.74 -19.28 20.02
C ARG A 263 -4.00 -20.40 19.05
N SER A 264 -4.89 -20.20 18.09
CA SER A 264 -5.17 -21.27 17.14
C SER A 264 -4.62 -20.98 15.75
N LEU A 265 -3.67 -20.07 15.63
CA LEU A 265 -2.90 -19.88 14.41
C LEU A 265 -1.45 -20.30 14.58
N VAL A 266 -1.17 -21.06 15.63
CA VAL A 266 0.20 -21.49 15.89
C VAL A 266 0.16 -22.97 16.16
N SER A 267 -1.04 -23.51 16.36
CA SER A 267 -1.20 -24.93 16.59
C SER A 267 -1.60 -25.69 15.34
N GLN A 268 -1.49 -25.06 14.17
CA GLN A 268 -1.78 -25.73 12.91
C GLN A 268 -0.51 -26.36 12.34
N GLU A 269 -0.69 -27.50 11.68
CA GLU A 269 0.43 -28.19 11.07
C GLU A 269 1.04 -27.32 9.96
N THR A 270 2.37 -27.37 9.85
CA THR A 270 3.12 -26.34 9.13
C THR A 270 2.80 -26.26 7.65
N SER A 271 2.22 -27.33 7.07
CA SER A 271 1.75 -27.24 5.69
C SER A 271 0.75 -26.12 5.53
N PHE A 272 -0.09 -25.93 6.55
CA PHE A 272 -1.00 -24.80 6.58
C PHE A 272 -0.27 -23.47 6.55
N PHE A 273 0.98 -23.42 7.03
CA PHE A 273 1.74 -22.18 6.92
C PHE A 273 2.40 -22.05 5.57
N ASP A 274 2.73 -23.16 4.92
CA ASP A 274 3.25 -23.06 3.56
C ASP A 274 2.18 -22.55 2.60
N GLU A 275 0.97 -23.10 2.70
CA GLU A 275 -0.08 -22.74 1.76
C GLU A 275 -0.46 -21.27 1.88
N ASN A 276 -0.74 -20.80 3.08
CA ASN A 276 -1.09 -19.41 3.28
C ASN A 276 0.17 -18.55 3.30
N ARG A 277 -0.05 -17.24 3.28
CA ARG A 277 1.06 -16.30 3.28
C ARG A 277 1.40 -15.90 4.71
N THR A 278 2.22 -14.86 4.86
CA THR A 278 2.49 -14.29 6.16
C THR A 278 2.14 -12.81 6.27
N GLY A 279 2.07 -12.08 5.16
CA GLY A 279 1.52 -10.73 5.23
C GLY A 279 0.03 -10.76 5.43
N ASP A 280 -0.65 -11.72 4.80
CA ASP A 280 -2.08 -11.87 5.01
C ASP A 280 -2.38 -12.35 6.43
N LEU A 281 -1.62 -13.29 6.95
CA LEU A 281 -1.95 -13.82 8.26
C LEU A 281 -1.52 -12.91 9.40
N ILE A 282 -1.09 -11.69 9.12
CA ILE A 282 -0.99 -10.64 10.13
C ILE A 282 -1.95 -9.49 9.83
N SER A 283 -2.14 -9.16 8.55
CA SER A 283 -3.15 -8.15 8.21
C SER A 283 -4.51 -8.60 8.67
N ARG A 284 -4.85 -9.86 8.43
CA ARG A 284 -6.07 -10.46 8.96
C ARG A 284 -6.17 -10.23 10.46
N LEU A 285 -5.18 -10.73 11.22
CA LEU A 285 -5.14 -10.60 12.68
C LEU A 285 -5.44 -9.18 13.12
N THR A 286 -4.53 -8.26 12.79
CA THR A 286 -4.65 -6.89 13.29
C THR A 286 -5.89 -6.18 12.78
N SER A 287 -5.96 -5.93 11.48
CA SER A 287 -7.02 -5.06 10.97
C SER A 287 -8.38 -5.71 11.08
N ASP A 288 -8.47 -7.02 10.89
CA ASP A 288 -9.78 -7.63 10.91
C ASP A 288 -10.33 -7.74 12.31
N THR A 289 -9.50 -8.04 13.33
CA THR A 289 -10.08 -8.01 14.67
C THR A 289 -10.40 -6.59 15.10
N THR A 290 -9.64 -5.60 14.61
CA THR A 290 -10.03 -4.22 14.82
C THR A 290 -11.43 -3.95 14.27
N MET A 291 -11.70 -4.43 13.05
CA MET A 291 -13.02 -4.21 12.47
C MET A 291 -14.11 -4.95 13.24
N VAL A 292 -13.84 -6.16 13.72
CA VAL A 292 -14.91 -6.89 14.40
C VAL A 292 -15.27 -6.22 15.71
N SER A 293 -14.28 -5.71 16.44
CA SER A 293 -14.66 -5.02 17.67
C SER A 293 -15.28 -3.66 17.37
N ASP A 294 -14.82 -3.01 16.31
CA ASP A 294 -15.36 -1.70 15.94
C ASP A 294 -16.82 -1.80 15.54
N LEU A 295 -17.20 -2.89 14.87
CA LEU A 295 -18.60 -3.17 14.54
C LEU A 295 -19.47 -3.02 15.77
N VAL A 296 -19.25 -3.90 16.75
CA VAL A 296 -20.11 -3.90 17.94
C VAL A 296 -20.10 -2.52 18.57
N SER A 297 -18.92 -2.06 18.98
CA SER A 297 -18.88 -0.82 19.77
C SER A 297 -19.44 0.36 19.00
N GLN A 298 -18.75 0.80 17.96
CA GLN A 298 -19.15 2.05 17.33
C GLN A 298 -20.50 1.92 16.62
N ASN A 299 -20.68 0.91 15.79
CA ASN A 299 -21.87 0.99 14.98
C ASN A 299 -23.11 0.42 15.64
N ILE A 300 -23.02 -0.54 16.56
CA ILE A 300 -24.25 -0.83 17.28
C ILE A 300 -24.59 0.31 18.20
N ASN A 301 -23.59 1.04 18.72
CA ASN A 301 -23.87 2.28 19.44
C ASN A 301 -24.72 3.24 18.59
N ILE A 302 -24.19 3.62 17.42
CA ILE A 302 -24.88 4.63 16.63
C ILE A 302 -26.24 4.15 16.17
N PHE A 303 -26.32 2.91 15.69
CA PHE A 303 -27.60 2.44 15.17
C PHE A 303 -28.66 2.37 16.26
N LEU A 304 -28.34 1.82 17.43
CA LEU A 304 -29.37 1.68 18.44
C LEU A 304 -29.79 3.05 19.00
N ARG A 305 -28.81 3.94 19.20
CA ARG A 305 -29.14 5.28 19.68
C ARG A 305 -30.09 6.00 18.73
N ASN A 306 -29.75 6.03 17.43
CA ASN A 306 -30.59 6.77 16.53
C ASN A 306 -31.92 6.09 16.28
N THR A 307 -32.03 4.78 16.45
CA THR A 307 -33.34 4.16 16.39
C THR A 307 -34.24 4.68 17.51
N VAL A 308 -33.75 4.67 18.75
CA VAL A 308 -34.59 5.12 19.86
C VAL A 308 -34.97 6.59 19.69
N LYS A 309 -34.01 7.41 19.30
CA LYS A 309 -34.30 8.84 19.19
C LYS A 309 -35.27 9.12 18.06
N VAL A 310 -35.17 8.42 16.93
CA VAL A 310 -36.10 8.67 15.84
C VAL A 310 -37.51 8.23 16.21
N THR A 311 -37.64 7.12 16.94
CA THR A 311 -38.96 6.74 17.42
C THR A 311 -39.58 7.83 18.30
N GLY A 312 -38.79 8.36 19.24
CA GLY A 312 -39.31 9.42 20.09
C GLY A 312 -39.71 10.66 19.31
N VAL A 313 -38.88 11.07 18.35
CA VAL A 313 -39.16 12.28 17.60
C VAL A 313 -40.42 12.14 16.78
N VAL A 314 -40.64 10.96 16.19
CA VAL A 314 -41.86 10.80 15.40
C VAL A 314 -43.09 10.86 16.29
N VAL A 315 -43.01 10.24 17.47
CA VAL A 315 -44.17 10.27 18.37
C VAL A 315 -44.50 11.69 18.78
N PHE A 316 -43.47 12.48 19.14
CA PHE A 316 -43.72 13.88 19.49
C PHE A 316 -44.34 14.65 18.33
N MET A 317 -43.68 14.66 17.18
CA MET A 317 -44.20 15.53 16.13
C MET A 317 -45.50 15.02 15.56
N PHE A 318 -45.97 13.85 15.98
CA PHE A 318 -47.39 13.55 15.82
C PHE A 318 -48.23 14.07 16.96
N SER A 319 -47.68 14.16 18.17
CA SER A 319 -48.47 14.70 19.27
C SER A 319 -48.75 16.18 19.10
N LEU A 320 -47.86 16.91 18.43
CA LEU A 320 -47.96 18.38 18.42
C LEU A 320 -49.09 18.85 17.51
N SER A 321 -49.02 18.57 16.21
CA SER A 321 -50.08 18.98 15.30
C SER A 321 -50.07 18.09 14.07
N TRP A 322 -51.16 17.38 13.83
CA TRP A 322 -51.08 16.25 12.90
C TRP A 322 -51.04 16.69 11.45
N GLN A 323 -51.71 17.79 11.09
CA GLN A 323 -51.65 18.23 9.69
C GLN A 323 -50.22 18.51 9.27
N LEU A 324 -49.45 19.13 10.15
CA LEU A 324 -48.07 19.45 9.83
C LEU A 324 -47.25 18.19 9.65
N SER A 325 -47.49 17.18 10.48
CA SER A 325 -46.75 15.93 10.34
C SER A 325 -47.11 15.24 9.03
N LEU A 326 -48.38 15.28 8.64
CA LEU A 326 -48.73 14.66 7.37
C LEU A 326 -48.13 15.41 6.20
N VAL A 327 -48.01 16.73 6.29
CA VAL A 327 -47.40 17.45 5.17
C VAL A 327 -45.90 17.16 5.10
N THR A 328 -45.21 17.16 6.24
CA THR A 328 -43.78 16.87 6.17
C THR A 328 -43.49 15.42 5.80
N PHE A 329 -44.42 14.50 6.06
CA PHE A 329 -44.24 13.13 5.61
C PHE A 329 -44.63 12.92 4.16
N MET A 330 -45.49 13.76 3.61
CA MET A 330 -45.56 13.84 2.16
C MET A 330 -44.31 14.48 1.59
N GLY A 331 -43.58 15.24 2.40
CA GLY A 331 -42.43 15.93 1.89
C GLY A 331 -41.13 15.16 1.81
N PHE A 332 -40.76 14.46 2.88
CA PHE A 332 -39.43 13.87 2.94
C PHE A 332 -39.14 12.80 1.88
N PRO A 333 -40.05 11.87 1.55
CA PRO A 333 -39.73 10.95 0.46
C PRO A 333 -39.44 11.61 -0.87
N ILE A 334 -40.07 12.73 -1.19
CA ILE A 334 -39.78 13.38 -2.46
C ILE A 334 -38.35 13.92 -2.47
N ILE A 335 -37.91 14.52 -1.36
CA ILE A 335 -36.53 14.96 -1.23
C ILE A 335 -35.59 13.79 -1.42
N MET A 336 -35.89 12.67 -0.75
CA MET A 336 -35.02 11.52 -0.84
C MET A 336 -34.94 10.99 -2.27
N MET A 337 -36.07 10.96 -2.97
CA MET A 337 -36.06 10.43 -4.34
C MET A 337 -35.29 11.34 -5.28
N VAL A 338 -35.48 12.64 -5.18
CA VAL A 338 -34.78 13.52 -6.12
C VAL A 338 -33.28 13.53 -5.85
N SER A 339 -32.88 13.58 -4.58
CA SER A 339 -31.47 13.50 -4.24
C SER A 339 -30.88 12.18 -4.70
N ASN A 340 -31.60 11.08 -4.50
CA ASN A 340 -31.15 9.76 -4.94
C ASN A 340 -30.88 9.75 -6.44
N ILE A 341 -31.86 10.17 -7.24
CA ILE A 341 -31.72 10.16 -8.69
C ILE A 341 -30.49 10.94 -9.12
N TYR A 342 -30.45 12.23 -8.76
CA TYR A 342 -29.39 13.05 -9.34
C TYR A 342 -28.02 12.69 -8.76
N GLY A 343 -27.96 12.25 -7.50
CA GLY A 343 -26.69 11.82 -6.94
C GLY A 343 -26.16 10.58 -7.62
N LYS A 344 -27.04 9.65 -7.96
CA LYS A 344 -26.63 8.47 -8.71
C LYS A 344 -26.04 8.88 -10.05
N TYR A 345 -26.74 9.75 -10.78
CA TYR A 345 -26.22 10.14 -12.09
C TYR A 345 -24.88 10.86 -11.99
N TYR A 346 -24.73 11.74 -11.01
CA TYR A 346 -23.49 12.50 -10.90
C TYR A 346 -22.34 11.60 -10.48
N LYS A 347 -22.59 10.65 -9.56
CA LYS A 347 -21.53 9.73 -9.16
C LYS A 347 -21.10 8.86 -10.32
N ARG A 348 -22.05 8.47 -11.18
CA ARG A 348 -21.70 7.73 -12.37
C ARG A 348 -20.73 8.51 -13.25
N LEU A 349 -21.05 9.78 -13.53
CA LEU A 349 -20.15 10.53 -14.40
C LEU A 349 -18.79 10.81 -13.75
N SER A 350 -18.75 11.02 -12.43
CA SER A 350 -17.46 11.21 -11.78
C SER A 350 -16.61 9.95 -11.85
N LYS A 351 -17.24 8.79 -11.69
CA LYS A 351 -16.50 7.53 -11.80
C LYS A 351 -15.92 7.36 -13.20
N GLU A 352 -16.70 7.70 -14.23
CA GLU A 352 -16.14 7.58 -15.58
C GLU A 352 -14.96 8.51 -15.80
N VAL A 353 -15.01 9.74 -15.28
CA VAL A 353 -13.87 10.63 -15.46
C VAL A 353 -12.64 10.08 -14.75
N GLN A 354 -12.81 9.56 -13.55
CA GLN A 354 -11.67 8.97 -12.85
C GLN A 354 -11.07 7.81 -13.63
N SER A 355 -11.92 6.98 -14.24
CA SER A 355 -11.41 5.87 -15.02
C SER A 355 -10.62 6.35 -16.23
N ALA A 356 -11.12 7.36 -16.94
CA ALA A 356 -10.41 7.84 -18.12
C ALA A 356 -9.05 8.43 -17.76
N LEU A 357 -8.99 9.18 -16.65
CA LEU A 357 -7.70 9.72 -16.23
C LEU A 357 -6.74 8.62 -15.84
N ALA A 358 -7.24 7.57 -15.18
CA ALA A 358 -6.35 6.47 -14.81
C ALA A 358 -5.80 5.75 -16.04
N ARG A 359 -6.63 5.61 -17.07
CA ARG A 359 -6.15 4.95 -18.29
C ARG A 359 -5.03 5.75 -18.96
N ALA A 360 -5.23 7.06 -19.09
CA ALA A 360 -4.16 7.85 -19.70
C ALA A 360 -2.91 7.86 -18.84
N SER A 361 -3.06 7.79 -17.51
CA SER A 361 -1.88 7.67 -16.67
C SER A 361 -1.15 6.36 -16.88
N THR A 362 -1.87 5.27 -17.16
CA THR A 362 -1.19 4.01 -17.47
C THR A 362 -0.39 4.12 -18.76
N THR A 363 -0.96 4.74 -19.79
CA THR A 363 -0.17 4.91 -21.02
C THR A 363 1.03 5.81 -20.82
N ALA A 364 0.99 6.73 -19.86
CA ALA A 364 2.23 7.44 -19.56
C ALA A 364 3.18 6.60 -18.73
N GLU A 365 2.65 5.73 -17.89
CA GLU A 365 3.51 4.93 -17.03
C GLU A 365 4.32 3.92 -17.84
N GLU A 366 3.75 3.36 -18.90
CA GLU A 366 4.53 2.39 -19.66
C GLU A 366 5.66 3.04 -20.42
N THR A 367 5.67 4.35 -20.56
CA THR A 367 6.81 5.02 -21.17
C THR A 367 7.80 5.52 -20.14
N ILE A 368 7.31 5.92 -18.97
CA ILE A 368 8.23 6.26 -17.89
C ILE A 368 9.03 5.02 -17.49
N SER A 369 8.37 3.90 -17.33
CA SER A 369 9.02 2.71 -16.79
C SER A 369 9.89 1.99 -17.80
N ALA A 370 9.93 2.41 -19.05
CA ALA A 370 10.69 1.71 -20.07
C ALA A 370 11.46 2.72 -20.90
N MET A 371 12.20 3.60 -20.24
CA MET A 371 12.72 4.78 -20.93
C MET A 371 13.80 4.44 -21.94
N LYS A 372 14.63 3.43 -21.68
CA LYS A 372 15.79 3.20 -22.52
C LYS A 372 15.39 2.80 -23.93
N THR A 373 14.46 1.85 -24.05
CA THR A 373 14.01 1.45 -25.38
C THR A 373 13.29 2.57 -26.11
N VAL A 374 12.73 3.54 -25.40
CA VAL A 374 12.12 4.67 -26.07
C VAL A 374 13.21 5.60 -26.57
N ARG A 375 14.23 5.88 -25.75
CA ARG A 375 15.30 6.75 -26.18
C ARG A 375 16.01 6.20 -27.38
N SER A 376 16.04 4.88 -27.53
CA SER A 376 16.76 4.29 -28.64
C SER A 376 16.19 4.66 -30.00
N PHE A 377 15.00 5.25 -30.06
CA PHE A 377 14.33 5.55 -31.32
C PHE A 377 14.08 7.03 -31.54
N ALA A 378 14.56 7.89 -30.65
CA ALA A 378 14.29 9.34 -30.70
C ALA A 378 12.79 9.58 -30.71
N ASN A 379 12.08 8.81 -29.93
CA ASN A 379 10.64 8.76 -29.96
C ASN A 379 10.06 9.26 -28.65
N GLU A 380 10.56 10.38 -28.14
CA GLU A 380 9.88 10.97 -27.01
C GLU A 380 8.77 11.90 -27.46
N GLU A 381 8.94 12.53 -28.62
CA GLU A 381 7.98 13.54 -29.05
C GLU A 381 6.63 12.92 -29.37
N GLU A 382 6.61 11.83 -30.10
CA GLU A 382 5.34 11.19 -30.36
C GLU A 382 4.75 10.61 -29.10
N GLU A 383 5.56 10.31 -28.09
CA GLU A 383 4.98 9.88 -26.82
C GLU A 383 4.33 11.05 -26.09
N ALA A 384 4.94 12.23 -26.15
CA ALA A 384 4.30 13.42 -25.60
C ALA A 384 2.99 13.71 -26.31
N GLU A 385 2.95 13.53 -27.63
CA GLU A 385 1.72 13.80 -28.37
C GLU A 385 0.63 12.78 -28.06
N VAL A 386 1.00 11.50 -27.96
CA VAL A 386 0.00 10.50 -27.59
C VAL A 386 -0.54 10.79 -26.21
N PHE A 387 0.32 11.20 -25.27
CA PHE A 387 -0.19 11.56 -23.96
C PHE A 387 -1.10 12.78 -24.03
N LEU A 388 -0.76 13.75 -24.87
CA LEU A 388 -1.57 14.95 -24.95
C LEU A 388 -2.97 14.63 -25.44
N ARG A 389 -3.08 13.83 -26.49
CA ARG A 389 -4.41 13.56 -27.02
C ARG A 389 -5.19 12.62 -26.11
N LYS A 390 -4.52 11.65 -25.51
CA LYS A 390 -5.20 10.81 -24.54
C LYS A 390 -5.63 11.60 -23.31
N LEU A 391 -5.08 12.79 -23.10
CA LEU A 391 -5.67 13.65 -22.09
C LEU A 391 -6.81 14.50 -22.64
N GLN A 392 -6.62 15.08 -23.82
CA GLN A 392 -7.62 15.99 -24.38
C GLN A 392 -8.91 15.28 -24.71
N GLN A 393 -8.95 13.97 -24.57
CA GLN A 393 -10.26 13.33 -24.51
C GLN A 393 -10.95 13.53 -23.16
N VAL A 394 -10.18 13.61 -22.07
CA VAL A 394 -10.78 13.68 -20.74
C VAL A 394 -11.57 14.96 -20.56
N TYR A 395 -11.08 16.06 -21.14
CA TYR A 395 -11.77 17.34 -21.01
C TYR A 395 -13.20 17.25 -21.55
N LYS A 396 -13.35 16.66 -22.73
CA LYS A 396 -14.68 16.47 -23.28
C LYS A 396 -15.49 15.52 -22.42
N LEU A 397 -14.87 14.52 -21.81
CA LEU A 397 -15.66 13.69 -20.92
C LEU A 397 -16.03 14.42 -19.64
N ASN A 398 -15.34 15.51 -19.32
CA ASN A 398 -15.53 16.18 -18.04
C ASN A 398 -16.58 17.27 -18.08
N ARG A 399 -16.78 17.90 -19.24
CA ARG A 399 -17.81 18.94 -19.33
C ARG A 399 -19.19 18.38 -19.00
N LYS A 400 -19.48 17.16 -19.44
CA LYS A 400 -20.76 16.54 -19.10
C LYS A 400 -20.88 16.30 -17.60
N GLU A 401 -19.76 16.00 -16.94
CA GLU A 401 -19.81 15.85 -15.50
C GLU A 401 -20.09 17.17 -14.81
N ALA A 402 -19.57 18.27 -15.38
CA ALA A 402 -19.89 19.58 -14.83
C ALA A 402 -21.39 19.85 -14.89
N ALA A 403 -22.01 19.56 -16.03
CA ALA A 403 -23.45 19.79 -16.14
C ALA A 403 -24.23 18.87 -15.19
N ALA A 404 -23.77 17.64 -15.00
CA ALA A 404 -24.44 16.77 -14.04
C ALA A 404 -24.37 17.32 -12.64
N TYR A 405 -23.24 17.91 -12.27
CA TYR A 405 -23.14 18.50 -10.93
C TYR A 405 -24.07 19.69 -10.77
N MET A 406 -24.11 20.57 -11.77
CA MET A 406 -25.07 21.67 -11.79
C MET A 406 -26.47 21.17 -11.46
N SER A 407 -26.96 20.24 -12.27
CA SER A 407 -28.34 19.83 -12.08
C SER A 407 -28.54 19.10 -10.77
N TYR A 408 -27.52 18.44 -10.23
CA TYR A 408 -27.71 17.77 -8.96
C TYR A 408 -27.92 18.77 -7.82
N VAL A 409 -27.11 19.83 -7.78
CA VAL A 409 -27.31 20.83 -6.73
C VAL A 409 -28.65 21.53 -6.90
N TRP A 410 -29.01 21.89 -8.14
CA TRP A 410 -30.29 22.58 -8.35
C TRP A 410 -31.46 21.72 -7.90
N GLY A 411 -31.47 20.46 -8.30
CA GLY A 411 -32.57 19.59 -7.92
C GLY A 411 -32.70 19.45 -6.42
N SER A 412 -31.61 19.11 -5.74
CA SER A 412 -31.71 18.89 -4.30
C SER A 412 -32.13 20.16 -3.57
N GLY A 413 -31.47 21.28 -3.88
CA GLY A 413 -31.77 22.52 -3.17
C GLY A 413 -33.19 22.99 -3.38
N LEU A 414 -33.66 22.96 -4.62
CA LEU A 414 -35.00 23.48 -4.87
C LEU A 414 -36.08 22.59 -4.26
N THR A 415 -35.87 21.27 -4.25
CA THR A 415 -36.89 20.45 -3.59
C THR A 415 -36.91 20.70 -2.09
N LEU A 416 -35.74 20.76 -1.46
CA LEU A 416 -35.71 21.01 -0.02
C LEU A 416 -36.35 22.34 0.32
N LEU A 417 -36.12 23.33 -0.52
CA LEU A 417 -36.71 24.64 -0.28
C LEU A 417 -38.22 24.60 -0.37
N VAL A 418 -38.76 23.97 -1.42
CA VAL A 418 -40.21 23.97 -1.56
C VAL A 418 -40.87 23.26 -0.39
N VAL A 419 -40.30 22.15 0.05
CA VAL A 419 -40.89 21.46 1.20
C VAL A 419 -40.84 22.35 2.45
N GLN A 420 -39.68 22.97 2.71
CA GLN A 420 -39.54 23.78 3.91
C GLN A 420 -40.48 24.97 3.90
N VAL A 421 -40.62 25.64 2.75
CA VAL A 421 -41.44 26.83 2.71
C VAL A 421 -42.91 26.46 2.82
N SER A 422 -43.30 25.33 2.24
CA SER A 422 -44.69 24.91 2.42
C SER A 422 -44.99 24.65 3.89
N ILE A 423 -44.05 24.02 4.60
CA ILE A 423 -44.28 23.75 6.02
C ILE A 423 -44.37 25.04 6.81
N LEU A 424 -43.44 25.97 6.60
CA LEU A 424 -43.44 27.21 7.37
C LEU A 424 -44.70 28.01 7.10
N TYR A 425 -45.14 28.07 5.84
CA TYR A 425 -46.30 28.88 5.52
C TYR A 425 -47.59 28.26 6.07
N TYR A 426 -47.74 26.94 5.93
CA TYR A 426 -48.91 26.29 6.51
C TYR A 426 -48.91 26.46 8.02
N GLY A 427 -47.75 26.40 8.65
CA GLY A 427 -47.70 26.67 10.08
C GLY A 427 -48.07 28.09 10.41
N GLY A 428 -47.72 29.03 9.55
CA GLY A 428 -48.11 30.41 9.77
C GLY A 428 -49.62 30.55 9.79
N HIS A 429 -50.29 29.95 8.82
CA HIS A 429 -51.74 30.03 8.83
C HIS A 429 -52.32 29.31 10.05
N LEU A 430 -51.68 28.22 10.48
CA LEU A 430 -52.18 27.51 11.66
C LEU A 430 -52.08 28.36 12.93
N VAL A 431 -51.02 29.14 13.05
CA VAL A 431 -50.90 29.97 14.25
C VAL A 431 -51.87 31.14 14.17
N ILE A 432 -52.11 31.67 12.97
CA ILE A 432 -53.06 32.77 12.85
C ILE A 432 -54.46 32.29 13.19
N SER A 433 -54.84 31.13 12.73
CA SER A 433 -56.20 30.64 12.97
C SER A 433 -56.45 30.20 14.38
N GLY A 434 -55.59 30.44 15.35
CA GLY A 434 -55.83 29.98 16.71
C GLY A 434 -55.70 28.49 16.91
N GLN A 435 -55.36 27.73 15.87
CA GLN A 435 -55.32 26.28 15.99
C GLN A 435 -54.09 25.78 16.72
N MET A 436 -53.06 26.61 16.87
CA MET A 436 -51.86 26.18 17.55
C MET A 436 -51.39 27.25 18.52
N SER A 437 -50.16 27.11 19.01
CA SER A 437 -49.53 28.12 19.83
C SER A 437 -48.09 28.22 19.38
N SER A 438 -47.58 29.44 19.24
CA SER A 438 -46.34 29.66 18.51
C SER A 438 -45.18 28.84 19.05
N GLY A 439 -45.19 28.56 20.35
CA GLY A 439 -44.20 27.68 20.92
C GLY A 439 -44.23 26.30 20.28
N ASN A 440 -45.41 25.79 19.99
CA ASN A 440 -45.48 24.50 19.35
C ASN A 440 -45.02 24.57 17.91
N LEU A 441 -45.13 25.73 17.25
CA LEU A 441 -44.57 25.83 15.91
C LEU A 441 -43.05 25.79 15.93
N ILE A 442 -42.44 26.49 16.89
CA ILE A 442 -40.98 26.40 16.98
C ILE A 442 -40.57 24.98 17.34
N ALA A 443 -41.34 24.32 18.21
CA ALA A 443 -41.02 22.94 18.55
C ALA A 443 -41.12 22.05 17.33
N PHE A 444 -42.11 22.26 16.49
CA PHE A 444 -42.28 21.39 15.34
C PHE A 444 -41.16 21.58 14.34
N ILE A 445 -40.70 22.82 14.16
CA ILE A 445 -39.64 23.03 13.20
C ILE A 445 -38.33 22.43 13.71
N ILE A 446 -38.07 22.53 15.00
CA ILE A 446 -36.86 21.90 15.53
C ILE A 446 -36.94 20.38 15.38
N TYR A 447 -38.12 19.81 15.58
CA TYR A 447 -38.25 18.37 15.40
C TYR A 447 -38.04 17.97 13.96
N GLU A 448 -38.49 18.78 13.02
CA GLU A 448 -38.24 18.46 11.63
C GLU A 448 -36.74 18.42 11.34
N PHE A 449 -35.99 19.39 11.85
CA PHE A 449 -34.55 19.38 11.61
C PHE A 449 -33.89 18.16 12.24
N VAL A 450 -34.25 17.84 13.49
CA VAL A 450 -33.63 16.71 14.17
C VAL A 450 -33.93 15.40 13.44
N LEU A 451 -35.18 15.22 13.02
CA LEU A 451 -35.55 13.99 12.33
C LEU A 451 -34.81 13.83 11.02
N GLY A 452 -34.66 14.93 10.27
CA GLY A 452 -33.89 14.86 9.05
C GLY A 452 -32.45 14.44 9.29
N ASP A 453 -31.81 15.05 10.28
CA ASP A 453 -30.42 14.72 10.58
C ASP A 453 -30.25 13.25 10.96
N CYS A 454 -31.12 12.75 11.82
CA CYS A 454 -30.92 11.38 12.29
C CYS A 454 -31.22 10.37 11.20
N MET A 455 -32.21 10.64 10.36
CA MET A 455 -32.47 9.76 9.23
C MET A 455 -31.25 9.67 8.33
N GLU A 456 -30.61 10.81 8.06
CA GLU A 456 -29.41 10.80 7.23
C GLU A 456 -28.27 10.03 7.89
N SER A 457 -28.11 10.16 9.20
CA SER A 457 -27.00 9.47 9.87
C SER A 457 -27.16 7.95 9.81
N VAL A 458 -28.37 7.44 10.08
CA VAL A 458 -28.59 6.00 9.99
C VAL A 458 -28.38 5.52 8.57
N GLY A 459 -28.93 6.27 7.60
CA GLY A 459 -28.74 5.90 6.20
C GLY A 459 -27.29 5.87 5.78
N SER A 460 -26.45 6.65 6.44
CA SER A 460 -25.02 6.55 6.19
C SER A 460 -24.43 5.30 6.83
N VAL A 461 -24.76 5.05 8.10
CA VAL A 461 -23.98 4.10 8.88
C VAL A 461 -24.31 2.63 8.59
N TYR A 462 -25.48 2.34 8.02
CA TYR A 462 -25.78 0.93 7.74
C TYR A 462 -24.76 0.29 6.80
N SER A 463 -24.22 1.05 5.85
CA SER A 463 -23.21 0.49 4.94
C SER A 463 -21.95 0.09 5.70
N GLY A 464 -21.50 0.94 6.62
CA GLY A 464 -20.34 0.59 7.42
C GLY A 464 -20.56 -0.64 8.28
N LEU A 465 -21.77 -0.78 8.83
CA LEU A 465 -22.04 -1.98 9.63
C LEU A 465 -22.00 -3.24 8.78
N MET A 466 -22.55 -3.16 7.57
CA MET A 466 -22.53 -4.35 6.73
C MET A 466 -21.11 -4.69 6.30
N GLN A 467 -20.29 -3.68 6.02
CA GLN A 467 -18.88 -3.92 5.73
C GLN A 467 -18.16 -4.55 6.91
N GLY A 468 -18.49 -4.11 8.13
CA GLY A 468 -17.87 -4.68 9.30
C GLY A 468 -18.18 -6.16 9.45
N VAL A 469 -19.45 -6.53 9.32
CA VAL A 469 -19.74 -7.95 9.48
C VAL A 469 -19.30 -8.73 8.25
N GLY A 470 -19.06 -8.06 7.13
CA GLY A 470 -18.47 -8.74 5.99
C GLY A 470 -17.01 -9.05 6.20
N ALA A 471 -16.31 -8.21 6.96
CA ALA A 471 -14.94 -8.53 7.34
C ALA A 471 -14.89 -9.51 8.50
N ALA A 472 -15.94 -9.57 9.32
CA ALA A 472 -15.93 -10.42 10.50
C ALA A 472 -16.02 -11.89 10.21
N GLU A 473 -16.05 -12.29 8.94
CA GLU A 473 -16.05 -13.71 8.61
C GLU A 473 -14.65 -14.28 8.52
N LYS A 474 -13.65 -13.44 8.28
CA LYS A 474 -12.30 -13.93 8.04
C LYS A 474 -11.64 -14.46 9.30
N VAL A 475 -12.18 -14.17 10.47
CA VAL A 475 -11.55 -14.63 11.71
C VAL A 475 -12.07 -16.01 12.11
N PHE A 476 -13.38 -16.19 12.07
CA PHE A 476 -13.95 -17.44 12.55
C PHE A 476 -13.65 -18.62 11.65
N GLU A 477 -13.04 -18.40 10.48
CA GLU A 477 -12.58 -19.54 9.70
C GLU A 477 -11.29 -20.12 10.26
N PHE A 478 -10.53 -19.34 11.03
CA PHE A 478 -9.31 -19.83 11.63
C PHE A 478 -9.39 -20.02 13.13
N ILE A 479 -10.43 -19.48 13.77
CA ILE A 479 -10.54 -19.63 15.22
C ILE A 479 -10.60 -21.09 15.62
N ASP A 480 -11.43 -21.87 14.95
CA ASP A 480 -11.59 -23.27 15.31
C ASP A 480 -11.37 -24.17 14.12
N ARG A 481 -10.39 -23.84 13.29
CA ARG A 481 -9.96 -24.77 12.26
C ARG A 481 -9.15 -25.89 12.91
N GLN A 482 -9.65 -27.12 12.80
CA GLN A 482 -9.04 -28.25 13.47
C GLN A 482 -7.66 -28.52 12.86
N PRO A 483 -6.67 -28.89 13.69
CA PRO A 483 -5.35 -29.22 13.14
C PRO A 483 -5.37 -30.54 12.39
N THR A 484 -4.53 -30.62 11.37
CA THR A 484 -4.48 -31.82 10.54
C THR A 484 -3.71 -32.94 11.24
N MET A 485 -2.42 -32.71 11.52
CA MET A 485 -1.59 -33.71 12.18
C MET A 485 -1.56 -33.42 13.68
N VAL A 486 -2.08 -34.35 14.46
CA VAL A 486 -2.17 -34.18 15.90
C VAL A 486 -0.96 -34.85 16.55
N HIS A 487 -0.37 -34.16 17.51
CA HIS A 487 0.78 -34.68 18.25
C HIS A 487 0.35 -35.45 19.48
N ASP A 488 -0.51 -36.45 19.26
CA ASP A 488 -1.02 -37.26 20.36
C ASP A 488 -0.01 -38.23 20.92
N GLY A 489 1.17 -38.34 20.31
CA GLY A 489 2.21 -39.22 20.83
C GLY A 489 2.66 -38.80 22.21
N SER A 490 2.70 -39.74 23.15
CA SER A 490 2.96 -39.42 24.55
C SER A 490 3.92 -40.46 25.12
N LEU A 491 5.22 -40.17 25.03
CA LEU A 491 6.23 -41.07 25.56
C LEU A 491 7.51 -40.29 25.80
N ALA A 492 8.21 -40.64 26.87
CA ALA A 492 9.46 -39.99 27.20
C ALA A 492 10.32 -40.89 28.09
N PRO A 493 11.18 -41.72 27.53
CA PRO A 493 12.07 -42.54 28.36
C PRO A 493 13.15 -41.69 28.99
N ASP A 494 13.84 -42.29 29.96
CA ASP A 494 14.89 -41.58 30.69
C ASP A 494 16.15 -41.45 29.85
N HIS A 495 16.74 -42.58 29.48
CA HIS A 495 17.96 -42.64 28.67
C HIS A 495 17.67 -43.40 27.39
N LEU A 496 18.58 -43.24 26.43
CA LEU A 496 18.39 -43.85 25.12
C LEU A 496 19.75 -44.09 24.48
N GLU A 497 19.72 -44.67 23.29
CA GLU A 497 20.94 -44.96 22.53
C GLU A 497 21.17 -43.97 21.40
N GLY A 498 20.12 -43.58 20.68
CA GLY A 498 20.27 -42.66 19.58
C GLY A 498 20.67 -43.31 18.27
N ARG A 499 19.84 -44.22 17.76
CA ARG A 499 20.06 -44.86 16.48
C ARG A 499 18.92 -44.46 15.55
N VAL A 500 19.22 -43.60 14.59
CA VAL A 500 18.23 -43.14 13.62
C VAL A 500 18.41 -43.93 12.34
N ASP A 501 17.30 -44.39 11.77
CA ASP A 501 17.32 -45.15 10.52
C ASP A 501 16.12 -44.76 9.68
N PHE A 502 16.37 -44.07 8.57
CA PHE A 502 15.33 -43.83 7.59
C PHE A 502 14.96 -45.18 6.98
N GLU A 503 13.80 -45.71 7.35
CA GLU A 503 13.41 -47.07 7.00
C GLU A 503 12.29 -47.03 5.97
N ASN A 504 12.66 -47.22 4.70
CA ASN A 504 11.76 -47.32 3.54
C ASN A 504 10.60 -46.33 3.59
N VAL A 505 10.93 -45.05 3.75
CA VAL A 505 9.91 -44.03 3.90
C VAL A 505 9.31 -43.68 2.54
N THR A 506 8.00 -43.45 2.53
CA THR A 506 7.26 -43.16 1.31
C THR A 506 6.71 -41.76 1.36
N PHE A 507 7.56 -40.81 1.76
CA PHE A 507 7.11 -39.48 2.12
C PHE A 507 6.53 -38.72 0.94
N THR A 508 5.50 -37.92 1.20
CA THR A 508 4.79 -37.16 0.18
C THR A 508 4.42 -35.79 0.73
N TYR A 509 4.56 -34.76 -0.10
CA TYR A 509 4.11 -33.42 0.27
C TYR A 509 2.58 -33.35 0.28
N ARG A 510 2.06 -32.14 0.48
CA ARG A 510 0.66 -31.82 0.22
C ARG A 510 0.54 -30.52 -0.55
N THR A 511 1.63 -30.05 -1.17
CA THR A 511 1.60 -28.88 -2.03
C THR A 511 1.75 -29.22 -3.50
N ARG A 512 2.21 -30.43 -3.84
CA ARG A 512 2.31 -30.92 -5.20
C ARG A 512 2.39 -32.44 -5.19
N PRO A 513 1.32 -33.15 -4.80
CA PRO A 513 1.42 -34.58 -4.52
C PRO A 513 1.57 -35.46 -5.75
N HIS A 514 1.79 -34.89 -6.93
CA HIS A 514 2.04 -35.70 -8.11
C HIS A 514 3.41 -36.37 -8.04
N THR A 515 4.41 -35.65 -7.54
CA THR A 515 5.77 -36.15 -7.50
C THR A 515 6.05 -36.87 -6.19
N GLN A 516 7.05 -37.74 -6.21
CA GLN A 516 7.50 -38.48 -5.04
C GLN A 516 8.96 -38.08 -4.79
N VAL A 517 9.15 -37.05 -3.98
CA VAL A 517 10.49 -36.52 -3.71
C VAL A 517 11.31 -37.45 -2.83
N LEU A 518 10.68 -38.44 -2.19
CA LEU A 518 11.43 -39.40 -1.39
C LEU A 518 10.60 -40.67 -1.30
N GLN A 519 11.13 -41.76 -1.86
CA GLN A 519 10.42 -43.03 -1.96
C GLN A 519 11.36 -44.16 -1.55
N ASN A 520 11.15 -44.69 -0.35
CA ASN A 520 11.83 -45.88 0.16
C ASN A 520 13.35 -45.69 0.20
N VAL A 521 13.77 -44.78 1.08
CA VAL A 521 15.17 -44.62 1.42
C VAL A 521 15.47 -45.51 2.62
N SER A 522 16.64 -46.16 2.61
CA SER A 522 17.01 -47.09 3.67
C SER A 522 18.47 -46.89 4.02
N PHE A 523 18.73 -46.27 5.17
CA PHE A 523 20.07 -46.12 5.71
C PHE A 523 19.98 -45.78 7.18
N SER A 524 20.91 -46.30 7.98
CA SER A 524 20.88 -46.18 9.43
C SER A 524 22.09 -45.41 9.92
N LEU A 525 21.85 -44.40 10.76
CA LEU A 525 22.93 -43.70 11.43
C LEU A 525 23.40 -44.52 12.62
N SER A 526 24.64 -44.29 13.03
CA SER A 526 25.20 -45.08 14.12
C SER A 526 25.51 -44.20 15.31
N PRO A 527 25.38 -44.74 16.55
CA PRO A 527 25.62 -43.92 17.75
C PRO A 527 27.00 -43.27 17.80
N GLY A 528 27.02 -41.94 17.76
CA GLY A 528 28.25 -41.20 17.78
C GLY A 528 28.99 -41.14 16.46
N LYS A 529 28.53 -41.86 15.45
CA LYS A 529 29.23 -41.94 14.18
C LYS A 529 28.60 -40.98 13.18
N VAL A 530 29.42 -40.11 12.60
CA VAL A 530 28.94 -39.14 11.63
C VAL A 530 28.32 -39.86 10.44
N THR A 531 27.28 -39.26 9.85
CA THR A 531 26.62 -39.81 8.67
C THR A 531 26.30 -38.64 7.74
N ALA A 532 27.24 -38.30 6.86
CA ALA A 532 27.04 -37.20 5.93
C ALA A 532 26.12 -37.60 4.80
N LEU A 533 25.41 -36.62 4.24
CA LEU A 533 24.50 -36.85 3.12
C LEU A 533 24.63 -35.71 2.13
N VAL A 534 25.06 -36.03 0.91
CA VAL A 534 25.06 -35.10 -0.21
C VAL A 534 24.43 -35.81 -1.40
N GLY A 535 24.00 -35.02 -2.37
CA GLY A 535 23.29 -35.56 -3.51
C GLY A 535 23.71 -34.94 -4.83
N PRO A 536 22.88 -35.13 -5.85
CA PRO A 536 23.23 -34.68 -7.21
C PRO A 536 23.07 -33.19 -7.45
N SER A 537 22.94 -32.38 -6.39
CA SER A 537 22.84 -30.92 -6.38
C SER A 537 21.55 -30.40 -6.99
N GLY A 538 20.69 -31.26 -7.53
CA GLY A 538 19.38 -30.84 -7.96
C GLY A 538 18.29 -31.69 -7.34
N SER A 539 18.63 -32.92 -6.97
CA SER A 539 17.65 -33.86 -6.47
C SER A 539 17.27 -33.53 -5.04
N GLY A 540 16.42 -34.38 -4.45
CA GLY A 540 15.90 -34.10 -3.14
C GLY A 540 16.78 -34.57 -2.01
N LYS A 541 17.58 -33.67 -1.47
CA LYS A 541 18.34 -33.92 -0.27
C LYS A 541 17.89 -33.08 0.91
N SER A 542 17.29 -31.91 0.65
CA SER A 542 16.90 -31.00 1.72
C SER A 542 15.65 -31.46 2.44
N SER A 543 15.01 -32.54 2.02
CA SER A 543 13.79 -32.94 2.67
C SER A 543 14.02 -33.83 3.88
N CYS A 544 15.18 -34.49 3.97
CA CYS A 544 15.40 -35.49 5.01
C CYS A 544 15.34 -34.88 6.40
N VAL A 545 15.86 -33.66 6.56
CA VAL A 545 15.84 -33.01 7.86
C VAL A 545 14.41 -32.69 8.27
N ASN A 546 13.55 -32.35 7.31
CA ASN A 546 12.16 -32.10 7.63
C ASN A 546 11.44 -33.40 7.94
N ILE A 547 11.89 -34.50 7.36
CA ILE A 547 11.34 -35.80 7.75
C ILE A 547 11.69 -36.10 9.20
N LEU A 548 12.91 -35.75 9.60
CA LEU A 548 13.37 -36.16 10.93
C LEU A 548 12.68 -35.35 12.02
N GLU A 549 12.46 -34.06 11.79
CA GLU A 549 11.89 -33.17 12.79
C GLU A 549 10.38 -33.30 12.93
N ASN A 550 9.79 -34.34 12.33
CA ASN A 550 8.37 -34.63 12.46
C ASN A 550 7.50 -33.45 12.03
N PHE A 551 8.00 -32.61 11.13
CA PHE A 551 7.18 -31.55 10.56
C PHE A 551 6.01 -32.15 9.81
N TYR A 552 6.31 -32.84 8.72
CA TYR A 552 5.33 -33.35 7.77
C TYR A 552 5.02 -34.80 8.08
N PRO A 553 3.85 -35.29 7.68
CA PRO A 553 3.56 -36.71 7.90
C PRO A 553 4.30 -37.61 6.92
N LEU A 554 4.02 -38.90 6.97
CA LEU A 554 4.61 -39.83 6.02
C LEU A 554 3.67 -41.02 5.88
N GLN A 555 3.52 -41.52 4.65
CA GLN A 555 2.53 -42.56 4.37
C GLN A 555 3.03 -43.93 4.83
N GLY A 556 4.10 -44.41 4.22
CA GLY A 556 4.68 -45.69 4.58
C GLY A 556 6.13 -45.50 4.98
N GLY A 557 6.60 -46.40 5.83
CA GLY A 557 7.92 -46.25 6.40
C GLY A 557 7.85 -45.75 7.83
N ARG A 558 8.87 -46.11 8.61
CA ARG A 558 8.87 -45.81 10.04
C ARG A 558 10.30 -45.55 10.48
N VAL A 559 10.58 -44.33 10.91
CA VAL A 559 11.93 -43.95 11.35
C VAL A 559 12.08 -44.49 12.77
N LEU A 560 12.60 -45.70 12.86
CA LEU A 560 12.73 -46.37 14.15
C LEU A 560 13.84 -45.75 14.96
N LEU A 561 13.52 -45.30 16.17
CA LEU A 561 14.49 -44.67 17.07
C LEU A 561 14.48 -45.42 18.39
N ASP A 562 15.35 -46.42 18.50
CA ASP A 562 15.62 -47.14 19.75
C ASP A 562 14.36 -47.80 20.29
N GLY A 563 13.82 -48.71 19.52
CA GLY A 563 12.65 -49.48 19.94
C GLY A 563 11.31 -48.92 19.50
N LYS A 564 11.23 -47.61 19.34
CA LYS A 564 9.99 -46.99 18.93
C LYS A 564 10.22 -45.97 17.82
N PRO A 565 9.25 -45.75 16.95
CA PRO A 565 9.36 -44.66 15.99
C PRO A 565 9.23 -43.32 16.69
N ILE A 566 9.54 -42.25 15.94
CA ILE A 566 9.56 -40.93 16.55
C ILE A 566 8.17 -40.46 16.91
N GLY A 567 7.14 -40.97 16.22
CA GLY A 567 5.79 -40.48 16.44
C GLY A 567 5.23 -40.80 17.82
N ALA A 568 5.77 -41.81 18.49
CA ALA A 568 5.20 -42.23 19.76
C ALA A 568 5.61 -41.35 20.92
N TYR A 569 6.72 -40.62 20.79
CA TYR A 569 7.33 -39.93 21.91
C TYR A 569 6.58 -38.64 22.26
N ASP A 570 6.99 -38.00 23.34
CA ASP A 570 6.50 -36.67 23.67
C ASP A 570 7.10 -35.62 22.74
N HIS A 571 6.29 -34.63 22.40
CA HIS A 571 6.71 -33.55 21.50
C HIS A 571 7.96 -32.85 22.03
N LYS A 572 7.87 -32.31 23.24
CA LYS A 572 8.98 -31.54 23.79
C LYS A 572 10.18 -32.43 24.04
N TYR A 573 9.97 -33.65 24.54
CA TYR A 573 11.10 -34.54 24.77
C TYR A 573 11.77 -34.92 23.47
N LEU A 574 10.98 -35.09 22.41
CA LEU A 574 11.54 -35.35 21.09
C LEU A 574 12.45 -34.20 20.65
N HIS A 575 11.91 -32.99 20.61
CA HIS A 575 12.75 -31.90 20.13
C HIS A 575 13.80 -31.48 21.15
N ARG A 576 13.78 -32.06 22.34
CA ARG A 576 14.90 -31.90 23.26
C ARG A 576 15.98 -32.93 23.02
N VAL A 577 15.65 -34.08 22.45
CA VAL A 577 16.71 -35.03 22.12
C VAL A 577 17.38 -34.67 20.79
N ILE A 578 16.62 -34.16 19.83
CA ILE A 578 17.13 -33.86 18.50
C ILE A 578 17.27 -32.35 18.36
N SER A 579 18.25 -31.90 17.58
CA SER A 579 18.39 -30.49 17.28
C SER A 579 18.44 -30.30 15.78
N LEU A 580 18.77 -29.08 15.36
CA LEU A 580 19.05 -28.72 13.98
C LEU A 580 19.71 -27.36 13.97
N VAL A 581 20.45 -27.09 12.90
CA VAL A 581 21.02 -25.79 12.60
C VAL A 581 20.70 -25.50 11.15
N SER A 582 19.84 -24.51 10.92
CA SER A 582 19.43 -24.22 9.55
C SER A 582 20.56 -23.54 8.78
N GLN A 583 20.29 -23.30 7.49
CA GLN A 583 21.24 -22.58 6.66
C GLN A 583 21.42 -21.15 7.15
N GLU A 584 20.33 -20.39 7.13
CA GLU A 584 20.26 -19.08 7.75
C GLU A 584 19.49 -19.25 9.05
N PRO A 585 20.17 -19.47 10.17
CA PRO A 585 19.46 -19.70 11.42
C PRO A 585 18.74 -18.44 11.86
N VAL A 586 17.42 -18.47 11.86
CA VAL A 586 16.67 -17.26 12.20
C VAL A 586 16.80 -17.03 13.70
N LEU A 587 17.08 -15.79 14.07
CA LEU A 587 17.21 -15.40 15.47
C LEU A 587 16.32 -14.19 15.71
N PHE A 588 15.35 -14.34 16.59
CA PHE A 588 14.38 -13.29 16.81
C PHE A 588 15.01 -12.16 17.62
N ALA A 589 14.28 -11.05 17.72
CA ALA A 589 14.76 -9.88 18.43
C ALA A 589 14.76 -10.12 19.93
N ARG A 590 15.89 -10.56 20.47
CA ARG A 590 16.07 -10.82 21.87
C ARG A 590 17.53 -10.53 22.20
N SER A 591 18.00 -11.02 23.34
CA SER A 591 19.40 -10.89 23.72
C SER A 591 20.11 -12.23 23.54
N ILE A 592 21.43 -12.17 23.39
CA ILE A 592 22.24 -13.33 23.04
C ILE A 592 22.49 -14.19 24.28
N THR A 593 21.81 -13.88 25.38
CA THR A 593 21.66 -14.88 26.43
C THR A 593 20.31 -15.57 26.35
N ASP A 594 19.29 -14.88 25.84
CA ASP A 594 17.99 -15.53 25.62
C ASP A 594 18.10 -16.64 24.58
N ASN A 595 18.69 -16.32 23.42
CA ASN A 595 18.68 -17.24 22.30
C ASN A 595 19.42 -18.54 22.60
N ILE A 596 20.43 -18.49 23.46
CA ILE A 596 21.24 -19.68 23.71
C ILE A 596 20.55 -20.54 24.77
N SER A 597 19.34 -20.17 25.14
CA SER A 597 18.41 -21.15 25.69
C SER A 597 17.00 -20.70 25.31
N TYR A 598 16.52 -21.18 24.16
CA TYR A 598 15.24 -20.74 23.65
C TYR A 598 14.10 -21.46 24.35
N GLY A 599 14.03 -22.76 24.18
CA GLY A 599 12.93 -23.49 24.76
C GLY A 599 13.29 -24.03 26.12
N LEU A 600 14.59 -24.18 26.36
CA LEU A 600 15.05 -24.75 27.60
C LEU A 600 15.11 -23.66 28.66
N PRO A 601 14.29 -23.74 29.71
CA PRO A 601 14.27 -22.67 30.71
C PRO A 601 15.31 -22.88 31.79
N THR A 602 15.34 -21.95 32.75
CA THR A 602 16.21 -21.94 33.94
C THR A 602 17.62 -22.48 33.66
N VAL A 603 18.30 -21.81 32.75
CA VAL A 603 19.69 -22.16 32.45
C VAL A 603 20.61 -21.32 33.33
N PRO A 604 21.63 -21.91 33.93
CA PRO A 604 22.66 -21.09 34.60
C PRO A 604 23.54 -20.41 33.57
N PHE A 605 23.90 -19.15 33.84
CA PHE A 605 24.61 -18.36 32.85
C PHE A 605 25.99 -18.93 32.53
N GLU A 606 26.61 -19.61 33.50
CA GLU A 606 27.89 -20.24 33.21
C GLU A 606 27.73 -21.40 32.25
N MET A 607 26.58 -22.08 32.26
CA MET A 607 26.32 -23.10 31.25
C MET A 607 26.16 -22.46 29.88
N VAL A 608 25.55 -21.28 29.82
CA VAL A 608 25.42 -20.55 28.57
C VAL A 608 26.80 -20.19 28.02
N VAL A 609 27.67 -19.64 28.87
CA VAL A 609 28.97 -19.23 28.36
C VAL A 609 29.84 -20.46 28.05
N GLU A 610 29.64 -21.57 28.76
CA GLU A 610 30.40 -22.78 28.47
C GLU A 610 30.00 -23.36 27.11
N ALA A 611 28.69 -23.54 26.90
CA ALA A 611 28.22 -24.05 25.62
C ALA A 611 28.33 -23.00 24.51
N ALA A 612 28.67 -21.76 24.84
CA ALA A 612 29.07 -20.82 23.80
C ALA A 612 30.54 -20.94 23.48
N GLN A 613 31.37 -21.30 24.46
CA GLN A 613 32.78 -21.54 24.20
C GLN A 613 32.97 -22.82 23.38
N LYS A 614 32.11 -23.81 23.59
CA LYS A 614 32.25 -25.08 22.87
C LYS A 614 32.07 -24.92 21.38
N ALA A 615 31.41 -23.86 20.93
CA ALA A 615 31.26 -23.58 19.51
C ALA A 615 31.86 -22.24 19.13
N ASN A 616 32.76 -21.71 19.98
CA ASN A 616 33.45 -20.45 19.74
C ASN A 616 32.49 -19.28 19.56
N ALA A 617 31.36 -19.30 20.27
CA ALA A 617 30.48 -18.15 20.27
C ALA A 617 30.97 -17.04 21.16
N HIS A 618 31.97 -17.31 22.00
CA HIS A 618 32.52 -16.32 22.92
C HIS A 618 33.28 -15.21 22.21
N GLY A 619 33.63 -15.39 20.94
CA GLY A 619 34.44 -14.43 20.24
C GLY A 619 33.76 -13.10 20.03
N PHE A 620 32.71 -13.08 19.22
CA PHE A 620 32.03 -11.84 18.87
C PHE A 620 30.98 -11.43 19.89
N ILE A 621 30.86 -12.15 21.00
CA ILE A 621 29.92 -11.74 22.05
C ILE A 621 30.55 -10.68 22.93
N MET A 622 31.78 -10.93 23.40
CA MET A 622 32.40 -10.01 24.35
C MET A 622 32.80 -8.69 23.68
N GLU A 623 33.17 -8.72 22.42
CA GLU A 623 33.53 -7.49 21.73
C GLU A 623 32.32 -6.70 21.25
N LEU A 624 31.11 -7.26 21.36
CA LEU A 624 29.94 -6.50 20.97
C LEU A 624 29.57 -5.50 22.06
N GLN A 625 28.88 -4.43 21.65
CA GLN A 625 28.87 -3.16 22.37
C GLN A 625 28.18 -3.20 23.73
N ASP A 626 27.56 -4.32 24.12
CA ASP A 626 26.85 -4.36 25.39
C ASP A 626 27.40 -5.41 26.35
N GLY A 627 28.46 -6.11 25.98
CA GLY A 627 28.94 -7.22 26.79
C GLY A 627 28.29 -8.51 26.35
N TYR A 628 27.97 -9.40 27.30
CA TYR A 628 27.35 -10.66 26.93
C TYR A 628 25.89 -10.45 26.53
N SER A 629 25.07 -10.01 27.48
CA SER A 629 23.62 -9.94 27.28
C SER A 629 23.24 -8.75 26.40
N THR A 630 23.79 -8.75 25.19
CA THR A 630 23.46 -7.73 24.21
C THR A 630 22.19 -8.08 23.46
N GLU A 631 21.30 -7.09 23.32
CA GLU A 631 20.06 -7.31 22.61
C GLU A 631 20.31 -7.25 21.11
N THR A 632 19.63 -8.13 20.37
CA THR A 632 19.78 -8.20 18.92
C THR A 632 19.04 -7.02 18.30
N GLY A 633 19.72 -5.89 18.25
CA GLY A 633 19.12 -4.66 17.80
C GLY A 633 18.85 -4.61 16.31
N GLU A 634 18.29 -3.47 15.90
CA GLU A 634 17.94 -3.13 14.50
C GLU A 634 17.20 -4.27 13.79
N LYS A 635 16.40 -5.01 14.55
CA LYS A 635 15.64 -6.17 14.05
C LYS A 635 16.57 -7.21 13.42
N GLY A 636 17.62 -7.57 14.15
CA GLY A 636 18.46 -8.69 13.78
C GLY A 636 19.42 -8.45 12.64
N ALA A 637 20.34 -7.50 12.82
CA ALA A 637 21.41 -7.31 11.83
C ALA A 637 22.75 -6.97 12.45
N GLN A 638 22.88 -6.93 13.79
CA GLN A 638 24.14 -6.60 14.42
C GLN A 638 25.10 -7.79 14.47
N LEU A 639 24.76 -8.89 13.84
CA LEU A 639 25.66 -10.02 13.64
C LEU A 639 25.72 -10.32 12.14
N SER A 640 26.63 -11.20 11.76
CA SER A 640 26.77 -11.59 10.36
C SER A 640 26.67 -13.11 10.23
N GLY A 641 26.96 -13.60 9.03
CA GLY A 641 26.79 -15.00 8.69
C GLY A 641 27.50 -15.97 9.60
N GLY A 642 28.83 -15.88 9.65
CA GLY A 642 29.58 -16.74 10.56
C GLY A 642 29.20 -16.51 12.01
N GLN A 643 28.86 -15.26 12.35
CA GLN A 643 28.39 -14.97 13.69
C GLN A 643 27.16 -15.81 14.04
N LYS A 644 26.07 -15.62 13.29
CA LYS A 644 24.83 -16.31 13.61
C LYS A 644 24.98 -17.83 13.46
N GLN A 645 25.89 -18.27 12.58
CA GLN A 645 26.14 -19.71 12.47
C GLN A 645 26.76 -20.24 13.76
N ARG A 646 27.75 -19.53 14.30
CA ARG A 646 28.32 -19.94 15.57
C ARG A 646 27.30 -19.84 16.71
N VAL A 647 26.40 -18.86 16.63
CA VAL A 647 25.32 -18.74 17.61
C VAL A 647 24.47 -20.01 17.62
N ALA A 648 23.92 -20.36 16.45
CA ALA A 648 23.08 -21.54 16.36
C ALA A 648 23.85 -22.79 16.74
N MET A 649 25.15 -22.84 16.42
CA MET A 649 25.97 -23.96 16.85
C MET A 649 26.05 -24.01 18.37
N ALA A 650 26.05 -22.85 19.02
CA ALA A 650 25.99 -22.85 20.47
C ALA A 650 24.62 -23.31 20.96
N ARG A 651 23.56 -23.07 20.17
CA ARG A 651 22.24 -23.54 20.58
C ARG A 651 22.19 -25.06 20.65
N ALA A 652 22.69 -25.74 19.63
CA ALA A 652 22.48 -27.17 19.50
C ALA A 652 23.33 -27.99 20.45
N LEU A 653 23.95 -27.37 21.46
CA LEU A 653 24.71 -28.11 22.45
C LEU A 653 24.25 -27.89 23.88
N VAL A 654 23.40 -26.88 24.12
CA VAL A 654 22.98 -26.59 25.47
C VAL A 654 22.03 -27.64 26.02
N ARG A 655 21.44 -28.45 25.15
CA ARG A 655 20.44 -29.42 25.56
C ARG A 655 21.01 -30.83 25.71
N ASN A 656 22.31 -31.00 25.45
CA ASN A 656 22.96 -32.31 25.45
C ASN A 656 22.24 -33.31 24.55
N PRO A 657 22.21 -33.08 23.24
CA PRO A 657 21.35 -33.88 22.36
C PRO A 657 22.08 -35.11 21.85
N PRO A 658 21.49 -36.31 22.03
CA PRO A 658 22.07 -37.51 21.42
C PRO A 658 21.97 -37.54 19.90
N VAL A 659 21.26 -36.62 19.28
CA VAL A 659 21.17 -36.53 17.83
C VAL A 659 21.39 -35.09 17.43
N LEU A 660 22.14 -34.89 16.34
CA LEU A 660 22.40 -33.55 15.84
C LEU A 660 22.16 -33.53 14.35
N ILE A 661 21.82 -32.34 13.84
CA ILE A 661 21.64 -32.11 12.41
C ILE A 661 22.35 -30.79 12.10
N LEU A 662 22.79 -30.64 10.86
CA LEU A 662 23.44 -29.40 10.46
C LEU A 662 23.10 -29.15 9.01
N ASP A 663 23.35 -27.92 8.58
CA ASP A 663 23.22 -27.53 7.18
C ASP A 663 24.08 -26.30 6.97
N GLU A 664 24.30 -25.96 5.69
CA GLU A 664 25.11 -24.79 5.37
C GLU A 664 24.78 -24.37 3.94
N ALA A 665 24.89 -23.06 3.70
CA ALA A 665 24.39 -22.48 2.46
C ALA A 665 25.42 -22.61 1.35
N THR A 666 25.00 -22.22 0.14
CA THR A 666 25.88 -22.28 -1.02
C THR A 666 26.95 -21.20 -0.99
N SER A 667 26.80 -20.19 -0.14
CA SER A 667 27.80 -19.13 -0.06
C SER A 667 29.01 -19.56 0.75
N ALA A 668 28.78 -20.23 1.89
CA ALA A 668 29.82 -20.67 2.82
C ALA A 668 30.71 -19.51 3.25
N LEU A 669 30.07 -18.52 3.89
CA LEU A 669 30.78 -17.31 4.29
C LEU A 669 31.75 -17.58 5.43
N ASP A 670 31.49 -18.60 6.25
CA ASP A 670 32.40 -18.94 7.33
C ASP A 670 33.71 -19.51 6.76
N ALA A 671 34.82 -19.17 7.42
CA ALA A 671 36.12 -19.63 6.97
C ALA A 671 36.43 -21.02 7.49
N GLU A 672 35.51 -21.96 7.27
CA GLU A 672 35.65 -23.39 7.58
C GLU A 672 35.89 -23.68 9.05
N SER A 673 35.76 -22.68 9.94
CA SER A 673 35.92 -22.94 11.36
C SER A 673 34.80 -23.80 11.90
N GLU A 674 33.64 -23.78 11.23
CA GLU A 674 32.53 -24.65 11.59
C GLU A 674 32.94 -26.12 11.49
N TYR A 675 33.70 -26.46 10.45
CA TYR A 675 34.14 -27.84 10.30
C TYR A 675 35.26 -28.20 11.28
N LEU A 676 36.12 -27.23 11.60
CA LEU A 676 37.12 -27.45 12.64
C LEU A 676 36.46 -27.76 13.97
N ILE A 677 35.38 -27.05 14.30
CA ILE A 677 34.72 -27.33 15.57
C ILE A 677 33.81 -28.56 15.47
N GLN A 678 33.37 -28.92 14.26
CA GLN A 678 32.68 -30.20 14.07
C GLN A 678 33.61 -31.35 14.42
N GLN A 679 34.77 -31.40 13.79
CA GLN A 679 35.73 -32.45 14.07
C GLN A 679 36.48 -32.24 15.37
N ALA A 680 36.26 -31.12 16.06
CA ALA A 680 37.02 -30.85 17.27
C ALA A 680 36.52 -31.66 18.45
N ILE A 681 35.27 -31.43 18.86
CA ILE A 681 34.80 -32.01 20.12
C ILE A 681 33.51 -32.80 19.96
N HIS A 682 32.46 -32.18 19.42
CA HIS A 682 31.15 -32.81 19.37
C HIS A 682 30.93 -33.64 18.11
N GLY A 683 32.00 -34.01 17.42
CA GLY A 683 31.88 -34.90 16.29
C GLY A 683 32.67 -36.19 16.49
N ASN A 684 33.75 -36.10 17.27
CA ASN A 684 34.60 -37.25 17.55
C ASN A 684 34.70 -37.55 19.03
N LEU A 685 34.92 -36.54 19.88
CA LEU A 685 35.10 -36.78 21.31
C LEU A 685 33.78 -37.11 21.98
N GLN A 686 32.75 -36.29 21.74
CA GLN A 686 31.46 -36.47 22.37
C GLN A 686 30.55 -37.29 21.47
N ARG A 687 29.60 -37.98 22.10
CA ARG A 687 28.70 -38.90 21.39
C ARG A 687 27.55 -38.12 20.80
N HIS A 688 27.63 -37.84 19.51
CA HIS A 688 26.60 -37.08 18.81
C HIS A 688 26.48 -37.63 17.40
N THR A 689 25.37 -38.27 17.10
CA THR A 689 25.22 -38.93 15.81
C THR A 689 25.01 -37.90 14.72
N VAL A 690 26.08 -37.19 14.37
CA VAL A 690 25.96 -36.00 13.54
C VAL A 690 25.61 -36.37 12.11
N LEU A 691 24.60 -35.70 11.57
CA LEU A 691 24.28 -35.68 10.15
C LEU A 691 24.70 -34.32 9.60
N ILE A 692 24.76 -34.20 8.27
CA ILE A 692 25.05 -32.91 7.66
C ILE A 692 24.54 -32.93 6.22
N ILE A 693 23.98 -31.81 5.80
CA ILE A 693 23.59 -31.58 4.41
C ILE A 693 24.45 -30.43 3.90
N ALA A 694 25.59 -30.74 3.29
CA ALA A 694 26.56 -29.73 2.93
C ALA A 694 26.61 -29.51 1.42
N HIS A 695 26.74 -28.26 1.03
CA HIS A 695 26.93 -27.86 -0.36
C HIS A 695 28.42 -27.65 -0.63
N ARG A 696 28.75 -27.32 -1.89
CA ARG A 696 30.10 -27.07 -2.38
C ARG A 696 31.00 -28.30 -2.29
N LEU A 697 30.44 -29.46 -1.94
CA LEU A 697 31.16 -30.72 -1.76
C LEU A 697 32.35 -30.53 -0.82
N SER A 698 32.10 -29.89 0.32
CA SER A 698 33.14 -29.61 1.29
C SER A 698 33.22 -30.66 2.38
N THR A 699 32.14 -31.39 2.63
CA THR A 699 32.11 -32.37 3.71
C THR A 699 32.91 -33.63 3.41
N VAL A 700 33.52 -33.73 2.24
CA VAL A 700 34.27 -34.92 1.87
C VAL A 700 35.69 -34.82 2.39
N GLU A 701 35.97 -33.80 3.21
CA GLU A 701 37.27 -33.72 3.86
C GLU A 701 37.43 -34.83 4.90
N ARG A 702 36.31 -35.36 5.39
CA ARG A 702 36.29 -36.46 6.34
C ARG A 702 34.86 -36.95 6.44
N ALA A 703 34.69 -38.27 6.49
CA ALA A 703 33.37 -38.84 6.63
C ALA A 703 33.50 -40.23 7.23
N HIS A 704 32.53 -40.61 8.05
CA HIS A 704 32.44 -41.96 8.57
C HIS A 704 31.38 -42.77 7.84
N LEU A 705 30.69 -42.17 6.89
CA LEU A 705 29.73 -42.77 5.98
C LEU A 705 29.28 -41.65 5.06
N ILE A 706 28.83 -42.01 3.86
CA ILE A 706 28.29 -41.02 2.92
C ILE A 706 27.14 -41.67 2.15
N VAL A 707 26.00 -40.98 2.11
CA VAL A 707 24.85 -41.40 1.31
C VAL A 707 24.66 -40.42 0.18
N VAL A 708 24.59 -40.95 -1.05
CA VAL A 708 24.23 -40.17 -2.23
C VAL A 708 23.08 -40.89 -2.92
N LEU A 709 21.93 -40.25 -2.97
CA LEU A 709 20.72 -40.86 -3.51
C LEU A 709 20.13 -39.94 -4.57
N ASP A 710 18.98 -40.35 -5.11
CA ASP A 710 18.24 -39.50 -6.04
C ASP A 710 16.79 -39.98 -6.06
N LYS A 711 15.88 -39.12 -5.60
CA LYS A 711 14.43 -39.30 -5.74
C LYS A 711 13.94 -40.58 -5.06
N GLY A 712 14.61 -41.04 -4.01
CA GLY A 712 14.11 -42.10 -3.17
C GLY A 712 15.01 -43.31 -3.07
N ARG A 713 15.83 -43.59 -4.07
CA ARG A 713 16.70 -44.75 -4.03
C ARG A 713 18.15 -44.31 -3.87
N VAL A 714 18.90 -45.09 -3.09
CA VAL A 714 20.30 -44.81 -2.80
C VAL A 714 21.16 -45.54 -3.82
N VAL A 715 22.12 -44.83 -4.40
CA VAL A 715 23.00 -45.40 -5.42
C VAL A 715 24.41 -45.67 -4.90
N GLN A 716 24.85 -44.99 -3.84
CA GLN A 716 26.23 -45.12 -3.38
C GLN A 716 26.26 -44.99 -1.87
N GLN A 717 27.07 -45.84 -1.23
CA GLN A 717 27.20 -45.88 0.22
C GLN A 717 28.67 -46.00 0.58
N GLY A 718 28.95 -46.30 1.84
CA GLY A 718 30.30 -46.52 2.31
C GLY A 718 31.09 -45.23 2.40
N THR A 719 32.31 -45.37 2.93
CA THR A 719 33.20 -44.24 3.12
C THR A 719 33.60 -43.66 1.76
N HIS A 720 34.04 -42.41 1.76
CA HIS A 720 34.36 -41.69 0.53
C HIS A 720 35.53 -42.28 -0.23
N GLN A 721 36.34 -43.15 0.38
CA GLN A 721 37.39 -43.81 -0.38
C GLN A 721 36.79 -44.80 -1.37
N GLN A 722 35.66 -45.42 -1.04
CA GLN A 722 34.92 -46.17 -2.04
C GLN A 722 34.38 -45.24 -3.12
N LEU A 723 34.00 -44.02 -2.74
CA LEU A 723 33.52 -43.06 -3.72
C LEU A 723 34.61 -42.66 -4.70
N LEU A 724 35.86 -42.63 -4.24
CA LEU A 724 36.97 -42.47 -5.17
C LEU A 724 37.10 -43.69 -6.08
N ALA A 725 36.93 -44.89 -5.51
CA ALA A 725 36.97 -46.11 -6.30
C ALA A 725 35.75 -46.21 -7.20
N GLN A 726 34.56 -46.23 -6.60
CA GLN A 726 33.31 -46.21 -7.35
C GLN A 726 33.04 -44.77 -7.78
N GLY A 727 33.77 -44.34 -8.81
CA GLY A 727 33.70 -42.96 -9.26
C GLY A 727 32.48 -42.66 -10.10
N GLY A 728 31.30 -42.82 -9.51
CA GLY A 728 30.07 -42.47 -10.18
C GLY A 728 29.53 -41.14 -9.72
N LEU A 729 29.51 -40.19 -10.67
CA LEU A 729 28.99 -38.79 -10.61
C LEU A 729 29.70 -37.92 -9.57
N TYR A 730 30.64 -38.50 -8.84
CA TYR A 730 31.29 -37.87 -7.70
C TYR A 730 32.67 -37.33 -8.02
N ALA A 731 33.52 -38.15 -8.64
CA ALA A 731 34.90 -37.73 -8.89
C ALA A 731 35.00 -36.63 -9.92
N LYS A 732 33.96 -36.42 -10.73
CA LYS A 732 33.97 -35.33 -11.70
C LYS A 732 33.55 -34.00 -11.10
N LEU A 733 32.94 -34.01 -9.91
CA LEU A 733 32.52 -32.76 -9.30
C LEU A 733 33.70 -31.99 -8.73
N VAL A 734 34.70 -32.71 -8.21
CA VAL A 734 35.84 -32.06 -7.59
C VAL A 734 36.77 -31.44 -8.62
N GLN A 735 36.69 -31.87 -9.88
CA GLN A 735 37.55 -31.33 -10.93
C GLN A 735 36.84 -30.31 -11.81
N ARG A 736 35.53 -30.46 -12.01
CA ARG A 736 34.79 -29.47 -12.78
C ARG A 736 34.73 -28.14 -12.04
N GLN A 737 34.56 -28.18 -10.72
CA GLN A 737 34.55 -26.96 -9.92
C GLN A 737 35.96 -26.41 -9.83
N MET A 738 36.22 -25.32 -10.56
CA MET A 738 37.52 -24.66 -10.64
C MET A 738 38.63 -25.61 -11.04
N THR B 169 6.25 29.85 -3.67
CA THR B 169 6.00 29.06 -4.88
C THR B 169 4.65 29.42 -5.47
N LEU B 170 3.87 30.18 -4.73
CA LEU B 170 2.56 30.60 -5.20
C LEU B 170 2.65 31.70 -6.24
N GLN B 171 3.83 32.26 -6.46
CA GLN B 171 4.06 33.08 -7.63
C GLN B 171 4.10 32.24 -8.91
N LYS B 172 4.26 30.93 -8.79
CA LYS B 172 4.21 30.03 -9.93
C LYS B 172 2.80 29.51 -10.16
N LEU B 173 2.17 28.98 -9.12
CA LEU B 173 0.86 28.37 -9.25
C LEU B 173 -0.16 29.34 -9.83
N LEU B 174 0.07 30.65 -9.65
CA LEU B 174 -0.73 31.62 -10.37
C LEU B 174 -0.50 31.51 -11.86
N SER B 175 0.76 31.38 -12.27
CA SER B 175 1.09 31.42 -13.69
C SER B 175 0.53 30.23 -14.46
N TYR B 176 0.22 29.13 -13.77
CA TYR B 176 -0.48 28.02 -14.43
C TYR B 176 -1.98 28.13 -14.27
N THR B 177 -2.46 29.29 -13.82
CA THR B 177 -3.88 29.60 -13.86
C THR B 177 -4.19 30.84 -14.70
N LYS B 178 -3.18 31.63 -15.05
CA LYS B 178 -3.34 32.85 -15.83
C LYS B 178 -4.16 32.68 -17.11
N PRO B 179 -4.17 31.53 -17.77
CA PRO B 179 -5.12 31.39 -18.89
C PRO B 179 -6.52 31.01 -18.47
N ASP B 180 -6.86 31.17 -17.19
CA ASP B 180 -8.18 30.79 -16.73
C ASP B 180 -8.88 31.91 -15.95
N VAL B 181 -8.53 33.17 -16.18
CA VAL B 181 -9.14 34.22 -15.39
C VAL B 181 -10.59 34.40 -15.73
N ALA B 182 -10.99 34.04 -16.95
CA ALA B 182 -12.41 34.11 -17.31
C ALA B 182 -13.22 33.21 -16.39
N PHE B 183 -12.86 31.94 -16.33
CA PHE B 183 -13.54 31.02 -15.45
C PHE B 183 -13.40 31.43 -13.99
N LEU B 184 -12.25 31.97 -13.61
CA LEU B 184 -12.09 32.31 -12.19
C LEU B 184 -12.96 33.47 -11.78
N VAL B 185 -13.10 34.51 -12.62
CA VAL B 185 -13.93 35.62 -12.17
C VAL B 185 -15.39 35.24 -12.24
N ALA B 186 -15.79 34.41 -13.20
CA ALA B 186 -17.18 33.96 -13.20
C ALA B 186 -17.49 33.18 -11.94
N ALA B 187 -16.61 32.25 -11.58
CA ALA B 187 -16.86 31.45 -10.39
C ALA B 187 -16.81 32.27 -9.12
N SER B 188 -15.89 33.23 -9.04
CA SER B 188 -15.78 34.00 -7.80
C SER B 188 -17.00 34.90 -7.61
N PHE B 189 -17.47 35.53 -8.69
CA PHE B 189 -18.66 36.36 -8.56
C PHE B 189 -19.85 35.53 -8.11
N PHE B 190 -20.05 34.37 -8.71
CA PHE B 190 -21.23 33.63 -8.27
C PHE B 190 -21.05 33.02 -6.89
N LEU B 191 -19.82 32.80 -6.44
CA LEU B 191 -19.62 32.41 -5.05
C LEU B 191 -20.07 33.50 -4.10
N ILE B 192 -19.69 34.73 -4.38
CA ILE B 192 -20.07 35.83 -3.50
C ILE B 192 -21.58 35.99 -3.46
N VAL B 193 -22.25 35.82 -4.59
CA VAL B 193 -23.71 35.90 -4.55
C VAL B 193 -24.30 34.76 -3.74
N ALA B 194 -23.75 33.55 -3.84
CA ALA B 194 -24.30 32.45 -3.05
C ALA B 194 -24.16 32.69 -1.56
N ALA B 195 -23.00 33.19 -1.13
CA ALA B 195 -22.82 33.45 0.29
C ALA B 195 -23.75 34.55 0.79
N LEU B 196 -23.90 35.62 0.01
CA LEU B 196 -24.75 36.71 0.50
C LEU B 196 -26.21 36.28 0.58
N GLY B 197 -26.68 35.46 -0.36
CA GLY B 197 -28.03 34.95 -0.22
C GLY B 197 -28.19 34.13 1.05
N GLU B 198 -27.27 33.20 1.28
CA GLU B 198 -27.45 32.35 2.46
C GLU B 198 -27.18 33.08 3.77
N THR B 199 -26.63 34.29 3.74
CA THR B 199 -26.50 35.04 4.99
C THR B 199 -27.52 36.14 5.16
N PHE B 200 -28.30 36.46 4.14
CA PHE B 200 -29.47 37.31 4.31
C PHE B 200 -30.72 36.53 4.66
N LEU B 201 -30.68 35.21 4.52
CA LEU B 201 -31.89 34.43 4.79
C LEU B 201 -32.42 34.49 6.24
N PRO B 202 -31.62 34.26 7.29
CA PRO B 202 -32.24 34.14 8.63
C PRO B 202 -32.89 35.41 9.13
N TYR B 203 -32.40 36.58 8.73
CA TYR B 203 -33.04 37.83 9.16
C TYR B 203 -34.47 37.89 8.67
N TYR B 204 -34.72 37.48 7.43
CA TYR B 204 -36.10 37.49 6.95
C TYR B 204 -36.91 36.34 7.51
N THR B 205 -36.29 35.23 7.90
CA THR B 205 -37.04 34.28 8.71
C THR B 205 -37.52 34.93 10.00
N GLY B 206 -36.65 35.72 10.61
CA GLY B 206 -37.03 36.42 11.83
C GLY B 206 -38.15 37.41 11.59
N ARG B 207 -38.10 38.12 10.47
CA ARG B 207 -39.19 39.02 10.12
C ARG B 207 -40.50 38.25 9.91
N ALA B 208 -40.44 37.04 9.37
CA ALA B 208 -41.66 36.26 9.20
C ALA B 208 -42.28 35.90 10.56
N ILE B 209 -41.46 35.36 11.47
CA ILE B 209 -41.98 34.98 12.78
C ILE B 209 -42.54 36.19 13.51
N ASP B 210 -41.82 37.30 13.44
CA ASP B 210 -42.28 38.52 14.08
C ASP B 210 -43.55 39.04 13.46
N SER B 211 -43.75 38.82 12.17
CA SER B 211 -45.00 39.22 11.54
C SER B 211 -46.14 38.31 11.96
N ILE B 212 -45.84 37.07 12.35
CA ILE B 212 -46.90 36.23 12.92
C ILE B 212 -47.31 36.75 14.29
N VAL B 213 -46.36 36.92 15.19
CA VAL B 213 -46.74 37.07 16.59
C VAL B 213 -47.04 38.52 16.99
N ILE B 214 -46.45 39.51 16.34
CA ILE B 214 -46.64 40.90 16.77
C ILE B 214 -47.88 41.49 16.14
N GLN B 215 -47.90 41.59 14.82
CA GLN B 215 -49.08 42.09 14.11
C GLN B 215 -49.74 40.91 13.41
N LYS B 216 -50.79 40.38 14.03
CA LYS B 216 -51.43 39.19 13.51
C LYS B 216 -52.16 39.55 12.24
N SER B 217 -51.50 39.38 11.10
CA SER B 217 -52.03 39.83 9.83
C SER B 217 -51.57 38.88 8.74
N MET B 218 -51.68 39.31 7.50
CA MET B 218 -51.08 38.59 6.40
C MET B 218 -50.04 39.48 5.72
N ASP B 219 -49.23 40.13 6.54
CA ASP B 219 -47.90 40.51 6.07
C ASP B 219 -47.00 39.31 5.94
N GLN B 220 -47.41 38.15 6.46
CA GLN B 220 -46.62 36.95 6.29
C GLN B 220 -46.55 36.55 4.82
N PHE B 221 -47.54 36.95 4.02
CA PHE B 221 -47.44 36.70 2.59
C PHE B 221 -46.20 37.33 2.02
N THR B 222 -46.03 38.63 2.25
CA THR B 222 -44.89 39.32 1.66
C THR B 222 -43.57 38.81 2.22
N THR B 223 -43.55 38.39 3.48
CA THR B 223 -42.27 37.97 4.03
C THR B 223 -41.91 36.54 3.65
N ALA B 224 -42.88 35.63 3.65
CA ALA B 224 -42.61 34.31 3.09
C ALA B 224 -42.25 34.40 1.62
N VAL B 225 -42.80 35.37 0.90
CA VAL B 225 -42.40 35.59 -0.48
C VAL B 225 -40.96 36.04 -0.56
N VAL B 226 -40.56 36.98 0.28
CA VAL B 226 -39.19 37.48 0.22
C VAL B 226 -38.21 36.37 0.56
N VAL B 227 -38.58 35.49 1.48
CA VAL B 227 -37.69 34.37 1.78
C VAL B 227 -37.61 33.40 0.62
N VAL B 228 -38.76 32.95 0.12
CA VAL B 228 -38.73 31.84 -0.82
C VAL B 228 -38.22 32.30 -2.18
N CYS B 229 -38.56 33.51 -2.61
CA CYS B 229 -38.23 33.78 -4.00
C CYS B 229 -36.79 34.23 -4.11
N LEU B 230 -36.51 35.47 -3.73
CA LEU B 230 -35.22 36.03 -4.11
C LEU B 230 -34.10 35.37 -3.33
N LEU B 231 -34.18 35.37 -2.00
CA LEU B 231 -33.03 34.94 -1.21
C LEU B 231 -32.76 33.46 -1.40
N ALA B 232 -33.79 32.63 -1.27
CA ALA B 232 -33.55 31.19 -1.33
C ALA B 232 -33.22 30.73 -2.74
N ILE B 233 -34.01 31.16 -3.74
CA ILE B 233 -33.74 30.74 -5.10
C ILE B 233 -32.38 31.27 -5.56
N GLY B 234 -32.03 32.49 -5.17
CA GLY B 234 -30.75 33.04 -5.55
C GLY B 234 -29.60 32.26 -4.94
N SER B 235 -29.73 31.89 -3.67
CA SER B 235 -28.68 31.09 -3.06
C SER B 235 -28.51 29.75 -3.78
N SER B 236 -29.61 29.06 -4.05
CA SER B 236 -29.48 27.74 -4.68
C SER B 236 -28.89 27.84 -6.09
N LEU B 237 -29.39 28.78 -6.89
CA LEU B 237 -28.89 28.88 -8.26
C LEU B 237 -27.43 29.28 -8.28
N ALA B 238 -27.04 30.25 -7.45
CA ALA B 238 -25.65 30.64 -7.44
C ALA B 238 -24.78 29.50 -6.94
N ALA B 239 -25.27 28.68 -6.04
CA ALA B 239 -24.50 27.53 -5.58
C ALA B 239 -24.24 26.57 -6.72
N GLY B 240 -25.28 26.27 -7.50
CA GLY B 240 -25.09 25.36 -8.62
C GLY B 240 -24.10 25.88 -9.64
N ILE B 241 -24.18 27.19 -9.96
CA ILE B 241 -23.30 27.72 -10.98
C ILE B 241 -21.86 27.78 -10.48
N ARG B 242 -21.67 28.11 -9.20
CA ARG B 242 -20.31 28.08 -8.66
C ARG B 242 -19.75 26.68 -8.69
N GLY B 243 -20.57 25.68 -8.38
CA GLY B 243 -20.10 24.31 -8.47
C GLY B 243 -19.68 23.93 -9.89
N GLY B 244 -20.48 24.31 -10.87
CA GLY B 244 -20.14 24.04 -12.25
C GLY B 244 -18.83 24.63 -12.67
N ILE B 245 -18.65 25.93 -12.45
CA ILE B 245 -17.41 26.54 -12.93
C ILE B 245 -16.21 26.03 -12.15
N PHE B 246 -16.36 25.67 -10.88
CA PHE B 246 -15.18 25.16 -10.19
C PHE B 246 -14.82 23.76 -10.64
N THR B 247 -15.79 22.92 -10.97
CA THR B 247 -15.44 21.63 -11.55
C THR B 247 -14.70 21.80 -12.87
N LEU B 248 -15.14 22.76 -13.69
CA LEU B 248 -14.44 23.00 -14.94
C LEU B 248 -13.01 23.47 -14.71
N VAL B 249 -12.79 24.34 -13.73
CA VAL B 249 -11.43 24.81 -13.48
C VAL B 249 -10.57 23.67 -12.96
N PHE B 250 -11.14 22.82 -12.11
CA PHE B 250 -10.44 21.62 -11.64
C PHE B 250 -9.90 20.81 -12.80
N ALA B 251 -10.76 20.45 -13.75
CA ALA B 251 -10.31 19.59 -14.83
C ALA B 251 -9.30 20.28 -15.72
N ARG B 252 -9.50 21.56 -16.03
CA ARG B 252 -8.55 22.21 -16.93
C ARG B 252 -7.18 22.35 -16.28
N LEU B 253 -7.15 22.65 -14.98
CA LEU B 253 -5.85 22.76 -14.32
C LEU B 253 -5.17 21.42 -14.22
N ASN B 254 -5.94 20.36 -13.94
CA ASN B 254 -5.37 19.02 -13.89
C ASN B 254 -4.73 18.64 -15.20
N ILE B 255 -5.44 18.86 -16.30
CA ILE B 255 -4.92 18.48 -17.60
C ILE B 255 -3.66 19.26 -17.92
N ARG B 256 -3.65 20.56 -17.66
CA ARG B 256 -2.46 21.29 -18.07
C ARG B 256 -1.25 20.97 -17.19
N LEU B 257 -1.45 20.69 -15.90
CA LEU B 257 -0.31 20.28 -15.11
C LEU B 257 0.24 18.93 -15.56
N ARG B 258 -0.63 17.96 -15.80
CA ARG B 258 -0.13 16.66 -16.24
C ARG B 258 0.62 16.78 -17.55
N ASN B 259 0.08 17.52 -18.49
CA ASN B 259 0.76 17.63 -19.78
C ASN B 259 2.09 18.33 -19.66
N CYS B 260 2.17 19.45 -18.93
CA CYS B 260 3.45 20.12 -18.86
C CYS B 260 4.48 19.31 -18.09
N LEU B 261 4.06 18.65 -17.01
CA LEU B 261 4.99 17.84 -16.23
C LEU B 261 5.54 16.69 -17.05
N PHE B 262 4.68 15.98 -17.77
CA PHE B 262 5.19 14.91 -18.62
C PHE B 262 6.11 15.45 -19.69
N ARG B 263 5.62 16.36 -20.52
CA ARG B 263 6.39 16.82 -21.67
C ARG B 263 7.74 17.41 -21.28
N SER B 264 7.89 17.88 -20.04
CA SER B 264 9.22 18.26 -19.60
C SER B 264 9.83 17.28 -18.62
N LEU B 265 9.25 16.10 -18.47
CA LEU B 265 9.88 15.03 -17.73
C LEU B 265 10.49 13.97 -18.62
N VAL B 266 9.96 13.78 -19.82
CA VAL B 266 10.37 12.72 -20.71
C VAL B 266 11.53 13.23 -21.55
N SER B 267 12.00 14.42 -21.28
CA SER B 267 13.11 14.98 -22.02
C SER B 267 14.31 15.22 -21.12
N GLN B 268 14.59 14.28 -20.23
CA GLN B 268 15.78 14.34 -19.40
C GLN B 268 16.74 13.21 -19.77
N GLU B 269 18.02 13.42 -19.51
CA GLU B 269 19.02 12.42 -19.85
C GLU B 269 18.96 11.24 -18.90
N THR B 270 19.23 10.04 -19.44
CA THR B 270 18.77 8.79 -18.84
C THR B 270 19.23 8.60 -17.40
N SER B 271 20.37 9.19 -17.04
CA SER B 271 20.85 9.10 -15.66
C SER B 271 19.83 9.66 -14.69
N PHE B 272 19.01 10.61 -15.12
CA PHE B 272 17.83 11.02 -14.38
C PHE B 272 17.02 9.79 -13.96
N PHE B 273 16.65 8.95 -14.92
CA PHE B 273 15.81 7.81 -14.60
C PHE B 273 16.56 6.72 -13.87
N ASP B 274 17.88 6.68 -14.00
CA ASP B 274 18.64 5.73 -13.20
C ASP B 274 18.64 6.13 -11.73
N GLU B 275 18.76 7.43 -11.45
CA GLU B 275 18.74 7.87 -10.06
C GLU B 275 17.35 7.73 -9.46
N ASN B 276 16.37 8.47 -9.99
CA ASN B 276 15.05 8.48 -9.41
C ASN B 276 14.30 7.20 -9.75
N ARG B 277 13.34 6.86 -8.91
CA ARG B 277 12.65 5.59 -9.04
C ARG B 277 11.61 5.70 -10.16
N THR B 278 10.75 4.69 -10.26
CA THR B 278 9.64 4.72 -11.18
C THR B 278 8.29 4.79 -10.50
N GLY B 279 8.13 4.13 -9.35
CA GLY B 279 6.90 4.32 -8.59
C GLY B 279 6.74 5.74 -8.08
N ASP B 280 7.85 6.38 -7.74
CA ASP B 280 7.80 7.76 -7.29
C ASP B 280 7.37 8.69 -8.43
N LEU B 281 7.91 8.47 -9.63
CA LEU B 281 7.56 9.29 -10.78
C LEU B 281 6.24 8.91 -11.40
N ILE B 282 5.41 8.14 -10.70
CA ILE B 282 4.04 7.91 -11.14
C ILE B 282 3.12 8.37 -10.02
N SER B 283 3.60 8.30 -8.78
CA SER B 283 2.93 9.02 -7.70
C SER B 283 2.87 10.50 -8.03
N ARG B 284 4.01 11.09 -8.36
CA ARG B 284 4.11 12.48 -8.78
C ARG B 284 3.46 12.75 -10.02
N LEU B 285 2.79 11.85 -10.70
CA LEU B 285 2.05 12.21 -11.90
C LEU B 285 0.57 12.01 -11.74
N THR B 286 0.12 11.05 -10.94
CA THR B 286 -1.31 10.94 -10.68
C THR B 286 -1.73 11.61 -9.38
N SER B 287 -1.22 11.15 -8.26
CA SER B 287 -1.84 11.55 -7.00
C SER B 287 -1.48 12.98 -6.62
N ASP B 288 -0.24 13.36 -6.90
CA ASP B 288 0.18 14.70 -6.54
C ASP B 288 -0.52 15.75 -7.38
N THR B 289 -0.72 15.49 -8.66
CA THR B 289 -1.46 16.46 -9.45
C THR B 289 -2.92 16.50 -9.07
N THR B 290 -3.50 15.38 -8.62
CA THR B 290 -4.85 15.45 -8.08
C THR B 290 -4.90 16.37 -6.86
N MET B 291 -3.91 16.30 -5.99
CA MET B 291 -3.93 17.20 -4.82
C MET B 291 -3.76 18.66 -5.24
N VAL B 292 -2.82 18.95 -6.14
CA VAL B 292 -2.59 20.34 -6.52
C VAL B 292 -3.66 20.85 -7.48
N SER B 293 -4.61 20.03 -7.87
CA SER B 293 -5.79 20.62 -8.45
C SER B 293 -6.95 20.73 -7.48
N ASP B 294 -7.01 19.88 -6.45
CA ASP B 294 -8.01 20.12 -5.42
C ASP B 294 -7.72 21.36 -4.61
N LEU B 295 -6.46 21.79 -4.56
CA LEU B 295 -6.15 23.04 -3.87
C LEU B 295 -6.87 24.25 -4.48
N VAL B 296 -7.21 24.21 -5.76
CA VAL B 296 -7.95 25.29 -6.38
C VAL B 296 -9.43 24.96 -6.58
N SER B 297 -9.77 23.70 -6.81
CA SER B 297 -11.19 23.36 -6.87
C SER B 297 -11.86 23.50 -5.50
N GLN B 298 -11.37 22.78 -4.51
CA GLN B 298 -12.16 22.54 -3.31
C GLN B 298 -11.78 23.41 -2.13
N ASN B 299 -10.50 23.46 -1.77
CA ASN B 299 -10.18 24.09 -0.49
C ASN B 299 -10.23 25.60 -0.55
N ILE B 300 -9.73 26.21 -1.61
CA ILE B 300 -9.88 27.65 -1.71
C ILE B 300 -11.35 28.02 -1.85
N ASN B 301 -12.13 27.18 -2.52
CA ASN B 301 -13.58 27.40 -2.59
C ASN B 301 -14.20 27.45 -1.20
N ILE B 302 -14.00 26.41 -0.40
CA ILE B 302 -14.63 26.35 0.91
C ILE B 302 -14.14 27.46 1.81
N PHE B 303 -12.82 27.69 1.82
CA PHE B 303 -12.28 28.71 2.69
C PHE B 303 -12.81 30.10 2.34
N LEU B 304 -12.86 30.44 1.05
CA LEU B 304 -13.33 31.77 0.70
C LEU B 304 -14.82 31.92 0.94
N ARG B 305 -15.61 30.90 0.60
CA ARG B 305 -17.04 30.94 0.84
C ARG B 305 -17.33 31.18 2.32
N ASN B 306 -16.71 30.39 3.19
CA ASN B 306 -17.04 30.52 4.59
C ASN B 306 -16.45 31.76 5.22
N THR B 307 -15.36 32.32 4.68
CA THR B 307 -14.94 33.62 5.18
C THR B 307 -15.98 34.70 4.88
N VAL B 308 -16.49 34.72 3.65
CA VAL B 308 -17.49 35.74 3.33
C VAL B 308 -18.74 35.56 4.20
N LYS B 309 -19.18 34.32 4.39
CA LYS B 309 -20.38 34.10 5.18
C LYS B 309 -20.17 34.47 6.64
N VAL B 310 -18.99 34.20 7.20
CA VAL B 310 -18.73 34.56 8.59
C VAL B 310 -18.73 36.07 8.76
N THR B 311 -18.14 36.80 7.82
CA THR B 311 -18.19 38.26 7.94
C THR B 311 -19.62 38.78 7.88
N GLY B 312 -20.42 38.26 6.96
CA GLY B 312 -21.82 38.68 6.90
C GLY B 312 -22.57 38.41 8.19
N VAL B 313 -22.41 37.20 8.73
CA VAL B 313 -23.16 36.81 9.91
C VAL B 313 -22.75 37.64 11.12
N VAL B 314 -21.46 37.92 11.26
CA VAL B 314 -21.02 38.72 12.40
C VAL B 314 -21.61 40.13 12.32
N VAL B 315 -21.62 40.72 11.12
CA VAL B 315 -22.16 42.07 11.02
C VAL B 315 -23.65 42.09 11.33
N PHE B 316 -24.38 41.07 10.88
CA PHE B 316 -25.80 41.01 11.24
C PHE B 316 -26.00 40.88 12.73
N MET B 317 -25.40 39.88 13.35
CA MET B 317 -25.71 39.71 14.76
C MET B 317 -25.11 40.78 15.63
N PHE B 318 -24.30 41.69 15.09
CA PHE B 318 -24.03 42.93 15.79
C PHE B 318 -25.15 43.94 15.58
N SER B 319 -25.67 44.03 14.37
CA SER B 319 -26.73 45.00 14.14
C SER B 319 -28.02 44.65 14.85
N LEU B 320 -28.24 43.38 15.18
CA LEU B 320 -29.51 42.98 15.78
C LEU B 320 -29.61 43.40 17.24
N SER B 321 -28.74 42.86 18.10
CA SER B 321 -28.82 43.18 19.53
C SER B 321 -27.43 42.99 20.14
N TRP B 322 -26.73 44.10 20.35
CA TRP B 322 -25.34 43.96 20.73
C TRP B 322 -25.14 43.43 22.14
N GLN B 323 -26.17 43.41 22.98
CA GLN B 323 -25.99 42.81 24.31
C GLN B 323 -25.71 41.32 24.17
N LEU B 324 -26.59 40.59 23.49
CA LEU B 324 -26.34 39.18 23.30
C LEU B 324 -25.10 38.94 22.47
N SER B 325 -24.74 39.88 21.60
CA SER B 325 -23.50 39.76 20.85
C SER B 325 -22.31 39.76 21.78
N LEU B 326 -22.27 40.70 22.71
CA LEU B 326 -21.18 40.73 23.68
C LEU B 326 -21.17 39.47 24.51
N VAL B 327 -22.34 38.98 24.89
CA VAL B 327 -22.38 37.78 25.72
C VAL B 327 -21.83 36.57 24.97
N THR B 328 -22.29 36.35 23.74
CA THR B 328 -21.81 35.17 23.03
C THR B 328 -20.36 35.30 22.59
N PHE B 329 -19.86 36.53 22.40
CA PHE B 329 -18.47 36.65 22.00
C PHE B 329 -17.53 36.52 23.18
N MET B 330 -17.98 36.88 24.38
CA MET B 330 -17.24 36.43 25.54
C MET B 330 -17.46 34.95 25.81
N GLY B 331 -18.48 34.34 25.21
CA GLY B 331 -18.75 32.95 25.47
C GLY B 331 -17.96 31.94 24.66
N PHE B 332 -17.83 32.17 23.35
CA PHE B 332 -17.24 31.14 22.48
C PHE B 332 -15.81 30.74 22.85
N PRO B 333 -14.89 31.62 23.27
CA PRO B 333 -13.57 31.15 23.69
C PRO B 333 -13.58 30.17 24.83
N ILE B 334 -14.54 30.24 25.75
CA ILE B 334 -14.57 29.26 26.84
C ILE B 334 -14.84 27.87 26.30
N ILE B 335 -15.81 27.75 25.40
CA ILE B 335 -16.11 26.47 24.76
C ILE B 335 -14.87 25.95 24.04
N MET B 336 -14.24 26.81 23.25
CA MET B 336 -13.05 26.36 22.50
C MET B 336 -11.94 25.92 23.44
N MET B 337 -11.74 26.65 24.55
CA MET B 337 -10.67 26.31 25.47
C MET B 337 -10.90 24.95 26.11
N VAL B 338 -12.06 24.73 26.71
CA VAL B 338 -12.28 23.47 27.42
C VAL B 338 -12.30 22.29 26.46
N SER B 339 -12.98 22.46 25.31
CA SER B 339 -13.02 21.40 24.34
C SER B 339 -11.63 21.04 23.85
N ASN B 340 -10.80 22.05 23.57
CA ASN B 340 -9.46 21.77 23.04
C ASN B 340 -8.58 21.09 24.07
N ILE B 341 -8.62 21.55 25.32
CA ILE B 341 -7.83 20.91 26.37
C ILE B 341 -8.19 19.43 26.48
N TYR B 342 -9.47 19.14 26.72
CA TYR B 342 -9.80 17.75 27.01
C TYR B 342 -9.65 16.88 25.76
N GLY B 343 -9.92 17.43 24.58
CA GLY B 343 -9.76 16.66 23.37
C GLY B 343 -8.31 16.31 23.09
N LYS B 344 -7.40 17.26 23.31
CA LYS B 344 -5.99 16.95 23.09
C LYS B 344 -5.51 15.88 24.07
N TYR B 345 -5.93 15.98 25.34
CA TYR B 345 -5.50 14.97 26.30
C TYR B 345 -6.01 13.58 25.93
N TYR B 346 -7.28 13.50 25.54
CA TYR B 346 -7.84 12.21 25.17
C TYR B 346 -7.17 11.67 23.91
N LYS B 347 -6.85 12.54 22.95
CA LYS B 347 -6.19 12.07 21.74
C LYS B 347 -4.82 11.49 22.06
N ARG B 348 -4.11 12.11 23.01
CA ARG B 348 -2.83 11.57 23.40
C ARG B 348 -2.97 10.17 24.00
N LEU B 349 -3.96 9.97 24.86
CA LEU B 349 -4.11 8.63 25.42
C LEU B 349 -4.54 7.61 24.36
N SER B 350 -5.33 8.02 23.37
CA SER B 350 -5.71 7.09 22.32
C SER B 350 -4.51 6.69 21.48
N LYS B 351 -3.65 7.65 21.13
CA LYS B 351 -2.43 7.31 20.40
C LYS B 351 -1.56 6.37 21.19
N GLU B 352 -1.50 6.55 22.50
CA GLU B 352 -0.71 5.64 23.32
C GLU B 352 -1.25 4.22 23.26
N VAL B 353 -2.58 4.06 23.30
CA VAL B 353 -3.12 2.70 23.20
C VAL B 353 -2.83 2.09 21.83
N GLN B 354 -2.94 2.88 20.76
CA GLN B 354 -2.65 2.34 19.44
C GLN B 354 -1.20 1.86 19.32
N SER B 355 -0.27 2.67 19.81
CA SER B 355 1.14 2.27 19.76
C SER B 355 1.38 1.02 20.61
N ALA B 356 0.73 0.93 21.77
CA ALA B 356 0.93 -0.25 22.61
C ALA B 356 0.43 -1.50 21.91
N LEU B 357 -0.69 -1.41 21.19
CA LEU B 357 -1.19 -2.60 20.50
C LEU B 357 -0.31 -2.97 19.31
N ALA B 358 0.22 -1.99 18.58
CA ALA B 358 1.09 -2.34 17.47
C ALA B 358 2.40 -2.99 17.96
N ARG B 359 3.00 -2.41 19.01
CA ARG B 359 4.19 -3.00 19.58
C ARG B 359 3.94 -4.40 20.09
N ALA B 360 2.76 -4.63 20.68
CA ALA B 360 2.45 -5.99 21.12
C ALA B 360 2.17 -6.92 19.96
N SER B 361 1.73 -6.39 18.82
CA SER B 361 1.44 -7.23 17.67
C SER B 361 2.67 -7.60 16.87
N THR B 362 3.77 -6.87 16.99
CA THR B 362 4.94 -7.23 16.19
C THR B 362 5.53 -8.59 16.59
N THR B 363 5.35 -9.02 17.84
CA THR B 363 5.84 -10.33 18.24
C THR B 363 5.08 -11.44 17.55
N ALA B 364 3.76 -11.32 17.49
CA ALA B 364 2.98 -12.30 16.74
C ALA B 364 3.34 -12.26 15.28
N GLU B 365 3.64 -11.06 14.76
CA GLU B 365 4.04 -10.97 13.37
C GLU B 365 5.31 -11.77 13.10
N GLU B 366 6.29 -11.67 13.98
CA GLU B 366 7.54 -12.39 13.75
C GLU B 366 7.37 -13.88 13.95
N THR B 367 6.74 -14.30 15.05
CA THR B 367 6.56 -15.72 15.29
C THR B 367 5.68 -16.39 14.24
N ILE B 368 4.80 -15.64 13.58
CA ILE B 368 4.13 -16.20 12.41
C ILE B 368 5.10 -16.28 11.24
N SER B 369 5.85 -15.22 10.99
CA SER B 369 6.69 -15.18 9.79
C SER B 369 7.92 -16.09 9.88
N ALA B 370 8.17 -16.77 10.99
CA ALA B 370 9.33 -17.64 11.12
C ALA B 370 8.95 -18.92 11.85
N MET B 371 7.84 -19.52 11.43
CA MET B 371 7.24 -20.63 12.18
C MET B 371 8.11 -21.89 12.15
N LYS B 372 9.02 -22.02 11.20
CA LYS B 372 9.83 -23.24 11.08
C LYS B 372 10.68 -23.46 12.32
N THR B 373 11.44 -22.44 12.73
CA THR B 373 12.35 -22.57 13.86
C THR B 373 11.59 -22.85 15.14
N VAL B 374 10.51 -22.10 15.38
CA VAL B 374 9.68 -22.32 16.56
C VAL B 374 9.18 -23.75 16.58
N ARG B 375 8.78 -24.27 15.42
CA ARG B 375 8.39 -25.67 15.34
C ARG B 375 9.55 -26.56 15.76
N SER B 376 10.76 -26.22 15.30
CA SER B 376 11.92 -27.06 15.60
C SER B 376 12.21 -27.09 17.08
N PHE B 377 11.82 -26.04 17.80
CA PHE B 377 12.09 -26.00 19.24
C PHE B 377 10.89 -26.40 20.09
N ALA B 378 9.75 -26.71 19.47
CA ALA B 378 8.53 -27.08 20.19
C ALA B 378 8.14 -26.02 21.21
N ASN B 379 8.23 -24.77 20.80
CA ASN B 379 8.07 -23.65 21.70
C ASN B 379 6.89 -22.78 21.27
N GLU B 380 5.75 -23.39 21.00
CA GLU B 380 4.58 -22.60 20.63
C GLU B 380 3.74 -22.16 21.82
N GLU B 381 3.65 -23.00 22.86
CA GLU B 381 2.94 -22.58 24.06
C GLU B 381 3.58 -21.34 24.67
N GLU B 382 4.91 -21.31 24.71
CA GLU B 382 5.60 -20.14 25.22
C GLU B 382 5.73 -19.06 24.20
N GLU B 383 4.95 -19.10 23.15
CA GLU B 383 4.67 -17.92 22.36
C GLU B 383 3.24 -17.45 22.48
N ALA B 384 2.29 -18.37 22.63
CA ALA B 384 0.94 -17.95 23.00
C ALA B 384 0.93 -17.24 24.34
N GLU B 385 1.73 -17.71 25.30
CA GLU B 385 1.72 -17.09 26.61
C GLU B 385 2.40 -15.73 26.60
N VAL B 386 3.46 -15.56 25.82
CA VAL B 386 4.05 -14.23 25.77
C VAL B 386 3.12 -13.28 25.03
N PHE B 387 2.32 -13.76 24.08
CA PHE B 387 1.33 -12.88 23.50
C PHE B 387 0.26 -12.53 24.52
N LEU B 388 -0.10 -13.47 25.37
CA LEU B 388 -1.12 -13.20 26.37
C LEU B 388 -0.63 -12.13 27.35
N ARG B 389 0.64 -12.18 27.74
CA ARG B 389 1.16 -11.16 28.64
C ARG B 389 1.24 -9.81 27.94
N LYS B 390 1.85 -9.77 26.75
CA LYS B 390 2.01 -8.53 26.02
C LYS B 390 0.69 -7.93 25.60
N LEU B 391 -0.41 -8.70 25.65
CA LEU B 391 -1.71 -8.10 25.45
C LEU B 391 -2.36 -7.69 26.76
N GLN B 392 -2.37 -8.58 27.75
CA GLN B 392 -2.99 -8.30 29.04
C GLN B 392 -2.43 -7.07 29.71
N GLN B 393 -1.28 -6.57 29.24
CA GLN B 393 -0.86 -5.24 29.66
C GLN B 393 -1.69 -4.13 29.01
N VAL B 394 -2.14 -4.33 27.76
CA VAL B 394 -2.83 -3.27 27.04
C VAL B 394 -4.17 -2.93 27.71
N TYR B 395 -4.84 -3.91 28.28
CA TYR B 395 -6.10 -3.65 28.97
C TYR B 395 -5.92 -2.65 30.11
N LYS B 396 -4.92 -2.89 30.94
CA LYS B 396 -4.63 -1.97 32.04
C LYS B 396 -4.16 -0.63 31.55
N LEU B 397 -3.63 -0.55 30.33
CA LEU B 397 -3.42 0.78 29.76
C LEU B 397 -4.74 1.41 29.33
N ASN B 398 -5.67 0.60 28.82
CA ASN B 398 -6.86 1.11 28.15
C ASN B 398 -7.90 1.67 29.11
N ARG B 399 -7.91 1.19 30.34
CA ARG B 399 -8.85 1.74 31.32
C ARG B 399 -8.68 3.24 31.49
N LYS B 400 -7.44 3.72 31.52
CA LYS B 400 -7.20 5.15 31.63
C LYS B 400 -7.72 5.90 30.43
N GLU B 401 -7.65 5.30 29.24
CA GLU B 401 -8.18 5.95 28.06
C GLU B 401 -9.69 6.07 28.13
N ALA B 402 -10.35 5.07 28.68
CA ALA B 402 -11.80 5.15 28.86
C ALA B 402 -12.17 6.29 29.79
N ALA B 403 -11.46 6.41 30.91
CA ALA B 403 -11.76 7.48 31.85
C ALA B 403 -11.53 8.86 31.22
N ALA B 404 -10.46 9.00 30.44
CA ALA B 404 -10.22 10.30 29.82
C ALA B 404 -11.30 10.65 28.80
N TYR B 405 -11.78 9.66 28.04
CA TYR B 405 -12.86 9.95 27.11
C TYR B 405 -14.12 10.40 27.82
N MET B 406 -14.48 9.70 28.90
CA MET B 406 -15.67 10.07 29.65
C MET B 406 -15.58 11.51 30.14
N SER B 407 -14.47 11.87 30.77
CA SER B 407 -14.36 13.24 31.26
C SER B 407 -14.34 14.25 30.13
N TYR B 408 -13.85 13.88 28.95
CA TYR B 408 -13.86 14.84 27.86
C TYR B 408 -15.28 15.13 27.39
N VAL B 409 -16.12 14.09 27.31
CA VAL B 409 -17.50 14.32 26.89
C VAL B 409 -18.24 15.19 27.90
N TRP B 410 -18.05 14.91 29.20
CA TRP B 410 -18.69 15.76 30.21
C TRP B 410 -18.26 17.20 30.09
N GLY B 411 -16.95 17.44 29.94
CA GLY B 411 -16.47 18.80 29.88
C GLY B 411 -17.04 19.57 28.71
N SER B 412 -16.96 19.00 27.52
CA SER B 412 -17.47 19.73 26.35
C SER B 412 -18.97 19.97 26.45
N GLY B 413 -19.72 18.93 26.83
CA GLY B 413 -21.17 19.07 26.90
C GLY B 413 -21.61 20.14 27.89
N LEU B 414 -21.01 20.15 29.08
CA LEU B 414 -21.49 21.10 30.08
C LEU B 414 -21.06 22.52 29.77
N THR B 415 -19.89 22.73 29.18
CA THR B 415 -19.56 24.11 28.84
C THR B 415 -20.48 24.63 27.75
N LEU B 416 -20.77 23.81 26.73
CA LEU B 416 -21.67 24.25 25.68
C LEU B 416 -23.05 24.56 26.24
N LEU B 417 -23.52 23.73 27.18
CA LEU B 417 -24.82 23.98 27.78
C LEU B 417 -24.85 25.31 28.50
N VAL B 418 -23.83 25.59 29.31
CA VAL B 418 -23.85 26.81 30.10
C VAL B 418 -23.90 28.04 29.20
N VAL B 419 -23.09 28.06 28.14
CA VAL B 419 -23.14 29.22 27.25
C VAL B 419 -24.51 29.33 26.58
N GLN B 420 -25.07 28.21 26.12
CA GLN B 420 -26.32 28.29 25.38
C GLN B 420 -27.49 28.75 26.26
N VAL B 421 -27.57 28.22 27.48
CA VAL B 421 -28.68 28.60 28.34
C VAL B 421 -28.51 30.03 28.82
N SER B 422 -27.28 30.49 29.01
CA SER B 422 -27.10 31.91 29.32
C SER B 422 -27.62 32.79 28.20
N ILE B 423 -27.31 32.42 26.95
CA ILE B 423 -27.83 33.19 25.82
C ILE B 423 -29.34 33.23 25.82
N LEU B 424 -29.99 32.06 25.88
CA LEU B 424 -31.44 32.01 25.79
C LEU B 424 -32.09 32.76 26.94
N TYR B 425 -31.51 32.68 28.13
CA TYR B 425 -32.15 33.30 29.28
C TYR B 425 -32.01 34.82 29.26
N TYR B 426 -30.82 35.33 28.95
CA TYR B 426 -30.68 36.77 28.81
C TYR B 426 -31.58 37.28 27.69
N GLY B 427 -31.73 36.50 26.63
CA GLY B 427 -32.63 36.91 25.57
C GLY B 427 -34.06 36.98 26.02
N GLY B 428 -34.47 36.03 26.85
CA GLY B 428 -35.81 36.06 27.39
C GLY B 428 -36.05 37.31 28.22
N HIS B 429 -35.08 37.66 29.05
CA HIS B 429 -35.25 38.88 29.85
C HIS B 429 -35.33 40.10 28.94
N LEU B 430 -34.55 40.13 27.86
CA LEU B 430 -34.64 41.27 26.97
C LEU B 430 -36.01 41.36 26.31
N VAL B 431 -36.55 40.24 25.86
CA VAL B 431 -37.81 40.31 25.13
C VAL B 431 -38.94 40.70 26.05
N ILE B 432 -38.93 40.20 27.28
CA ILE B 432 -39.99 40.60 28.22
C ILE B 432 -39.82 42.06 28.61
N SER B 433 -38.58 42.53 28.73
CA SER B 433 -38.35 43.92 29.11
C SER B 433 -38.87 44.88 28.06
N GLY B 434 -38.80 44.51 26.78
CA GLY B 434 -39.32 45.34 25.73
C GLY B 434 -38.26 46.00 24.88
N GLN B 435 -37.12 45.34 24.73
CA GLN B 435 -36.02 45.89 23.96
C GLN B 435 -35.73 45.11 22.68
N MET B 436 -36.53 44.13 22.35
CA MET B 436 -36.37 43.39 21.10
C MET B 436 -37.75 42.98 20.62
N SER B 437 -37.78 42.04 19.68
CA SER B 437 -39.02 41.40 19.29
C SER B 437 -38.73 39.92 19.21
N SER B 438 -39.79 39.11 19.24
CA SER B 438 -39.58 37.67 19.18
C SER B 438 -38.86 37.27 17.90
N GLY B 439 -39.13 37.97 16.82
CA GLY B 439 -38.46 37.67 15.57
C GLY B 439 -36.97 37.92 15.64
N ASN B 440 -36.57 39.01 16.27
CA ASN B 440 -35.14 39.28 16.33
C ASN B 440 -34.45 38.32 17.26
N LEU B 441 -35.11 37.82 18.30
CA LEU B 441 -34.46 36.84 19.14
C LEU B 441 -34.28 35.52 18.42
N ILE B 442 -35.29 35.09 17.66
CA ILE B 442 -35.13 33.86 16.89
C ILE B 442 -34.06 34.04 15.82
N ALA B 443 -33.99 35.22 15.21
CA ALA B 443 -32.92 35.48 14.27
C ALA B 443 -31.56 35.40 14.95
N PHE B 444 -31.47 35.90 16.17
CA PHE B 444 -30.17 35.87 16.82
C PHE B 444 -29.76 34.46 17.17
N ILE B 445 -30.70 33.63 17.58
CA ILE B 445 -30.33 32.26 17.90
C ILE B 445 -29.88 31.49 16.66
N ILE B 446 -30.60 31.69 15.54
CA ILE B 446 -30.18 31.01 14.33
C ILE B 446 -28.82 31.50 13.86
N TYR B 447 -28.56 32.80 14.00
CA TYR B 447 -27.24 33.31 13.62
C TYR B 447 -26.16 32.74 14.50
N GLU B 448 -26.46 32.53 15.77
CA GLU B 448 -25.48 31.92 16.65
C GLU B 448 -25.10 30.52 16.17
N PHE B 449 -26.11 29.72 15.81
CA PHE B 449 -25.79 28.37 15.34
C PHE B 449 -25.02 28.38 14.02
N VAL B 450 -25.40 29.28 13.11
CA VAL B 450 -24.70 29.35 11.82
C VAL B 450 -23.25 29.77 12.03
N LEU B 451 -23.01 30.71 12.93
CA LEU B 451 -21.65 31.15 13.20
C LEU B 451 -20.84 30.02 13.79
N GLY B 452 -21.45 29.22 14.67
CA GLY B 452 -20.74 28.07 15.21
C GLY B 452 -20.31 27.10 14.13
N ASP B 453 -21.25 26.69 13.29
CA ASP B 453 -20.94 25.72 12.24
C ASP B 453 -19.88 26.23 11.27
N CYS B 454 -19.99 27.50 10.88
CA CYS B 454 -19.02 28.02 9.91
C CYS B 454 -17.63 28.12 10.53
N MET B 455 -17.55 28.50 11.81
CA MET B 455 -16.26 28.53 12.47
C MET B 455 -15.65 27.14 12.51
N GLU B 456 -16.47 26.13 12.76
CA GLU B 456 -15.99 24.74 12.76
C GLU B 456 -15.42 24.36 11.41
N SER B 457 -16.13 24.64 10.33
CA SER B 457 -15.67 24.19 9.02
C SER B 457 -14.41 24.91 8.58
N VAL B 458 -14.32 26.22 8.84
CA VAL B 458 -13.09 26.94 8.53
C VAL B 458 -11.92 26.37 9.31
N GLY B 459 -12.12 26.07 10.59
CA GLY B 459 -11.06 25.44 11.35
C GLY B 459 -10.67 24.08 10.82
N SER B 460 -11.62 23.34 10.23
CA SER B 460 -11.31 22.01 9.73
C SER B 460 -10.44 22.06 8.48
N VAL B 461 -10.76 22.94 7.54
CA VAL B 461 -10.16 22.80 6.20
C VAL B 461 -8.69 23.19 6.14
N TYR B 462 -8.13 23.78 7.20
CA TYR B 462 -6.76 24.27 7.11
C TYR B 462 -5.75 23.14 6.99
N SER B 463 -6.06 21.98 7.58
CA SER B 463 -5.21 20.81 7.40
C SER B 463 -5.08 20.46 5.93
N GLY B 464 -6.22 20.34 5.25
CA GLY B 464 -6.20 19.99 3.84
C GLY B 464 -5.46 21.01 3.01
N LEU B 465 -5.64 22.30 3.32
CA LEU B 465 -4.97 23.30 2.49
C LEU B 465 -3.46 23.29 2.71
N MET B 466 -3.02 23.07 3.95
CA MET B 466 -1.59 22.96 4.18
C MET B 466 -1.00 21.76 3.47
N GLN B 467 -1.71 20.63 3.51
CA GLN B 467 -1.23 19.43 2.82
C GLN B 467 -1.17 19.65 1.31
N GLY B 468 -2.17 20.32 0.75
CA GLY B 468 -2.15 20.61 -0.67
C GLY B 468 -0.99 21.48 -1.08
N VAL B 469 -0.78 22.59 -0.36
CA VAL B 469 0.30 23.48 -0.77
C VAL B 469 1.65 22.85 -0.47
N GLY B 470 1.71 21.85 0.40
CA GLY B 470 2.94 21.09 0.52
C GLY B 470 3.15 20.18 -0.68
N ALA B 471 2.08 19.56 -1.16
CA ALA B 471 2.16 18.72 -2.34
C ALA B 471 2.48 19.50 -3.60
N ALA B 472 2.21 20.80 -3.63
CA ALA B 472 2.48 21.60 -4.81
C ALA B 472 3.96 21.93 -5.00
N GLU B 473 4.85 21.32 -4.23
CA GLU B 473 6.27 21.53 -4.45
C GLU B 473 6.94 20.24 -4.90
N LYS B 474 6.16 19.22 -5.20
CA LYS B 474 6.69 18.06 -5.91
C LYS B 474 6.49 18.16 -7.41
N VAL B 475 5.34 18.69 -7.86
CA VAL B 475 5.13 18.89 -9.28
C VAL B 475 6.10 19.92 -9.84
N PHE B 476 6.13 21.10 -9.24
CA PHE B 476 6.98 22.15 -9.75
C PHE B 476 8.46 21.85 -9.55
N GLU B 477 8.78 20.81 -8.79
CA GLU B 477 10.17 20.42 -8.63
C GLU B 477 10.74 19.91 -9.94
N PHE B 478 9.95 19.12 -10.68
CA PHE B 478 10.39 18.52 -11.92
C PHE B 478 9.91 19.24 -13.16
N ILE B 479 8.81 19.98 -13.07
CA ILE B 479 8.19 20.58 -14.25
C ILE B 479 9.09 21.58 -14.94
N ASP B 480 10.17 22.01 -14.30
CA ASP B 480 11.21 22.73 -15.02
C ASP B 480 12.53 22.40 -14.34
N ARG B 481 13.20 21.38 -14.84
CA ARG B 481 14.57 21.07 -14.51
C ARG B 481 15.34 21.00 -15.82
N GLN B 482 16.36 21.84 -15.95
CA GLN B 482 17.09 21.95 -17.19
C GLN B 482 17.76 20.63 -17.52
N PRO B 483 17.66 20.14 -18.75
CA PRO B 483 18.39 18.93 -19.13
C PRO B 483 19.87 19.20 -19.19
N THR B 484 20.65 18.14 -18.97
CA THR B 484 22.10 18.27 -18.90
C THR B 484 22.81 17.96 -20.20
N MET B 485 22.09 17.61 -21.27
CA MET B 485 22.68 17.46 -22.58
C MET B 485 21.75 18.05 -23.63
N VAL B 486 22.34 18.58 -24.69
CA VAL B 486 21.59 19.22 -25.76
C VAL B 486 21.71 18.39 -27.03
N HIS B 487 20.61 18.26 -27.75
CA HIS B 487 20.61 17.55 -29.03
C HIS B 487 20.76 18.56 -30.16
N ASP B 488 21.93 19.19 -30.20
CA ASP B 488 22.22 20.26 -31.13
C ASP B 488 22.71 19.78 -32.48
N GLY B 489 22.41 18.54 -32.84
CA GLY B 489 22.84 18.04 -34.12
C GLY B 489 22.12 18.70 -35.28
N SER B 490 22.82 18.86 -36.38
CA SER B 490 22.24 19.44 -37.58
C SER B 490 22.46 18.57 -38.81
N LEU B 491 23.60 17.88 -38.90
CA LEU B 491 23.94 17.15 -40.11
C LEU B 491 23.05 15.94 -40.27
N ALA B 492 22.75 15.61 -41.52
CA ALA B 492 22.06 14.37 -41.86
C ALA B 492 22.34 14.00 -43.31
N PRO B 493 23.56 13.59 -43.66
CA PRO B 493 23.81 13.14 -45.03
C PRO B 493 23.24 11.74 -45.22
N ASP B 494 22.50 11.55 -46.31
CA ASP B 494 21.78 10.31 -46.53
C ASP B 494 22.69 9.13 -46.86
N HIS B 495 23.95 9.37 -47.19
CA HIS B 495 24.87 8.34 -47.67
C HIS B 495 25.93 8.08 -46.62
N LEU B 496 25.98 6.84 -46.12
CA LEU B 496 26.99 6.44 -45.14
C LEU B 496 27.63 5.14 -45.56
N GLU B 497 28.72 4.81 -44.88
CA GLU B 497 29.31 3.48 -44.91
C GLU B 497 29.28 2.81 -43.55
N GLY B 498 29.49 3.56 -42.48
CA GLY B 498 29.37 3.02 -41.15
C GLY B 498 30.69 2.81 -40.44
N ARG B 499 31.62 3.74 -40.61
CA ARG B 499 32.92 3.63 -39.96
C ARG B 499 32.75 3.99 -38.50
N VAL B 500 32.35 3.01 -37.70
CA VAL B 500 32.30 3.18 -36.26
C VAL B 500 33.72 3.05 -35.73
N ASP B 501 34.22 4.12 -35.13
CA ASP B 501 35.56 4.11 -34.56
C ASP B 501 35.49 4.52 -33.10
N PHE B 502 36.59 4.29 -32.40
CA PHE B 502 36.75 4.71 -31.02
C PHE B 502 38.14 5.28 -30.87
N GLU B 503 38.24 6.47 -30.30
CA GLU B 503 39.51 7.17 -30.16
C GLU B 503 39.81 7.28 -28.67
N ASN B 504 40.53 6.28 -28.15
CA ASN B 504 40.97 6.14 -26.76
C ASN B 504 39.90 6.55 -25.76
N VAL B 505 38.66 6.09 -25.98
CA VAL B 505 37.56 6.55 -25.15
C VAL B 505 37.64 5.90 -23.78
N THR B 506 37.46 6.70 -22.74
CA THR B 506 37.26 6.20 -21.39
C THR B 506 35.95 6.79 -20.87
N PHE B 507 35.16 5.96 -20.21
CA PHE B 507 33.81 6.36 -19.87
C PHE B 507 33.45 5.87 -18.48
N THR B 508 32.84 6.75 -17.70
CA THR B 508 32.27 6.38 -16.41
C THR B 508 30.91 7.04 -16.29
N TYR B 509 30.12 6.57 -15.33
CA TYR B 509 28.75 7.03 -15.19
C TYR B 509 28.74 8.42 -14.56
N ARG B 510 27.56 8.88 -14.15
CA ARG B 510 27.44 10.03 -13.28
C ARG B 510 26.94 9.63 -11.90
N THR B 511 26.81 8.32 -11.65
CA THR B 511 26.38 7.84 -10.35
C THR B 511 27.56 7.52 -9.45
N ARG B 512 28.63 6.93 -9.99
CA ARG B 512 29.82 6.61 -9.22
C ARG B 512 31.04 6.95 -10.06
N PRO B 513 31.58 8.15 -9.90
CA PRO B 513 32.67 8.59 -10.80
C PRO B 513 34.03 8.03 -10.46
N HIS B 514 34.23 7.42 -9.29
CA HIS B 514 35.56 6.93 -8.98
C HIS B 514 35.81 5.55 -9.56
N THR B 515 34.79 4.69 -9.60
CA THR B 515 34.95 3.41 -10.27
C THR B 515 35.00 3.63 -11.78
N GLN B 516 35.60 2.68 -12.48
CA GLN B 516 35.83 2.78 -13.90
C GLN B 516 35.27 1.56 -14.61
N VAL B 517 34.73 1.78 -15.82
CA VAL B 517 34.26 0.68 -16.65
C VAL B 517 34.88 0.67 -18.03
N LEU B 518 35.47 1.76 -18.51
CA LEU B 518 36.19 1.76 -19.77
C LEU B 518 37.37 2.72 -19.64
N GLN B 519 38.53 2.29 -20.12
CA GLN B 519 39.77 3.06 -19.97
C GLN B 519 40.51 3.13 -21.31
N ASN B 520 40.34 4.26 -22.01
CA ASN B 520 41.11 4.60 -23.21
C ASN B 520 40.99 3.55 -24.30
N VAL B 521 39.79 2.98 -24.45
CA VAL B 521 39.56 1.96 -25.45
C VAL B 521 39.58 2.59 -26.82
N SER B 522 40.30 1.97 -27.76
CA SER B 522 40.40 2.47 -29.13
C SER B 522 40.38 1.28 -30.08
N PHE B 523 39.20 0.94 -30.58
CA PHE B 523 39.04 -0.14 -31.54
C PHE B 523 38.04 0.31 -32.60
N SER B 524 38.25 -0.15 -33.83
CA SER B 524 37.45 0.30 -34.95
C SER B 524 36.56 -0.83 -35.45
N LEU B 525 35.72 -0.50 -36.43
CA LEU B 525 34.83 -1.44 -37.06
C LEU B 525 34.90 -1.22 -38.56
N SER B 526 35.26 -2.25 -39.31
CA SER B 526 35.36 -2.10 -40.75
C SER B 526 33.96 -1.98 -41.36
N PRO B 527 33.80 -1.14 -42.38
CA PRO B 527 32.46 -0.91 -42.94
C PRO B 527 31.89 -2.15 -43.59
N GLY B 528 30.63 -2.44 -43.27
CA GLY B 528 29.92 -3.53 -43.90
C GLY B 528 30.40 -4.90 -43.55
N LYS B 529 30.97 -5.08 -42.36
CA LYS B 529 31.50 -6.38 -41.96
C LYS B 529 31.29 -6.56 -40.46
N VAL B 530 30.94 -7.79 -40.07
CA VAL B 530 30.68 -8.10 -38.67
C VAL B 530 31.89 -7.77 -37.81
N THR B 531 31.65 -7.41 -36.56
CA THR B 531 32.73 -7.20 -35.59
C THR B 531 32.16 -7.48 -34.20
N ALA B 532 32.35 -8.69 -33.71
CA ALA B 532 31.76 -9.04 -32.43
C ALA B 532 32.58 -8.44 -31.29
N LEU B 533 32.09 -8.64 -30.06
CA LEU B 533 32.79 -8.28 -28.86
C LEU B 533 32.52 -9.34 -27.81
N VAL B 534 33.48 -9.53 -26.91
CA VAL B 534 33.35 -10.51 -25.83
C VAL B 534 34.37 -10.15 -24.77
N GLY B 535 34.06 -10.52 -23.52
CA GLY B 535 34.96 -10.29 -22.43
C GLY B 535 34.86 -11.38 -21.38
N PRO B 536 35.41 -11.11 -20.19
CA PRO B 536 35.42 -12.11 -19.13
C PRO B 536 34.13 -12.21 -18.35
N SER B 537 33.04 -11.63 -18.83
CA SER B 537 31.75 -11.49 -18.16
C SER B 537 31.84 -10.76 -16.83
N GLY B 538 32.96 -10.10 -16.54
CA GLY B 538 33.10 -9.32 -15.33
C GLY B 538 33.50 -7.89 -15.64
N SER B 539 34.11 -7.69 -16.80
CA SER B 539 34.48 -6.35 -17.23
C SER B 539 33.29 -5.68 -17.92
N GLY B 540 33.51 -4.46 -18.39
CA GLY B 540 32.44 -3.70 -19.00
C GLY B 540 32.35 -3.84 -20.50
N LYS B 541 31.47 -4.71 -20.97
CA LYS B 541 31.16 -4.83 -22.39
C LYS B 541 29.86 -4.13 -22.76
N SER B 542 28.85 -4.20 -21.89
CA SER B 542 27.57 -3.53 -22.16
C SER B 542 27.73 -2.02 -22.20
N SER B 543 28.74 -1.50 -21.52
CA SER B 543 28.93 -0.06 -21.52
C SER B 543 29.26 0.48 -22.89
N CYS B 544 29.83 -0.33 -23.78
CA CYS B 544 30.06 0.15 -25.13
C CYS B 544 28.75 0.24 -25.91
N VAL B 545 27.82 -0.67 -25.63
CA VAL B 545 26.47 -0.54 -26.18
C VAL B 545 25.83 0.76 -25.73
N ASN B 546 25.88 1.04 -24.42
CA ASN B 546 25.22 2.24 -23.94
C ASN B 546 25.93 3.51 -24.33
N ILE B 547 27.22 3.47 -24.65
CA ILE B 547 27.81 4.71 -25.12
C ILE B 547 27.51 4.92 -26.60
N LEU B 548 27.43 3.85 -27.39
CA LEU B 548 27.23 4.08 -28.82
C LEU B 548 25.82 4.56 -29.13
N GLU B 549 24.87 4.22 -28.28
CA GLU B 549 23.50 4.69 -28.42
C GLU B 549 23.32 6.14 -27.96
N ASN B 550 24.43 6.82 -27.63
CA ASN B 550 24.43 8.23 -27.26
C ASN B 550 23.54 8.51 -26.06
N PHE B 551 23.42 7.57 -25.14
CA PHE B 551 22.62 7.80 -23.94
C PHE B 551 23.33 8.77 -23.00
N TYR B 552 24.51 8.37 -22.50
CA TYR B 552 25.41 9.06 -21.61
C TYR B 552 26.54 9.70 -22.39
N PRO B 553 27.14 10.77 -21.89
CA PRO B 553 28.28 11.36 -22.57
C PRO B 553 29.55 10.63 -22.16
N LEU B 554 30.68 11.12 -22.64
CA LEU B 554 31.96 10.49 -22.43
C LEU B 554 32.84 11.37 -21.54
N GLN B 555 33.71 10.73 -20.76
CA GLN B 555 34.67 11.48 -19.97
C GLN B 555 35.89 11.84 -20.81
N GLY B 556 36.62 10.85 -21.28
CA GLY B 556 37.77 11.09 -22.14
C GLY B 556 37.65 10.30 -23.41
N GLY B 557 38.02 10.94 -24.52
CA GLY B 557 37.92 10.31 -25.82
C GLY B 557 36.93 10.99 -26.72
N ARG B 558 36.47 10.29 -27.76
CA ARG B 558 35.42 10.70 -28.67
C ARG B 558 35.09 9.53 -29.59
N VAL B 559 33.83 9.44 -29.99
CA VAL B 559 33.36 8.43 -30.93
C VAL B 559 32.88 9.16 -32.18
N LEU B 560 33.11 8.55 -33.34
CA LEU B 560 32.72 9.20 -34.58
C LEU B 560 32.13 8.18 -35.55
N LEU B 561 31.16 8.64 -36.32
CA LEU B 561 30.48 7.83 -37.33
C LEU B 561 30.83 8.39 -38.69
N ASP B 562 31.71 7.70 -39.40
CA ASP B 562 32.19 8.11 -40.73
C ASP B 562 32.78 9.52 -40.68
N GLY B 563 33.84 9.66 -39.89
CA GLY B 563 34.55 10.91 -39.78
C GLY B 563 34.02 11.83 -38.70
N LYS B 564 32.83 12.37 -38.92
CA LYS B 564 32.26 13.31 -37.97
C LYS B 564 31.83 12.59 -36.69
N PRO B 565 31.91 13.26 -35.55
CA PRO B 565 31.44 12.65 -34.30
C PRO B 565 29.93 12.52 -34.29
N ILE B 566 29.45 11.65 -33.41
CA ILE B 566 28.01 11.45 -33.26
C ILE B 566 27.33 12.61 -32.57
N GLY B 567 28.09 13.50 -31.95
CA GLY B 567 27.46 14.69 -31.39
C GLY B 567 26.97 15.68 -32.43
N ALA B 568 27.22 15.45 -33.71
CA ALA B 568 26.90 16.42 -34.75
C ALA B 568 25.74 16.00 -35.65
N TYR B 569 25.44 14.71 -35.74
CA TYR B 569 24.34 14.28 -36.58
C TYR B 569 23.00 14.64 -35.95
N ASP B 570 21.98 14.75 -36.79
CA ASP B 570 20.63 15.00 -36.31
C ASP B 570 20.13 13.84 -35.48
N HIS B 571 19.32 14.13 -34.46
CA HIS B 571 18.96 13.13 -33.46
C HIS B 571 18.19 11.97 -34.06
N LYS B 572 17.02 12.25 -34.64
CA LYS B 572 16.24 11.18 -35.25
C LYS B 572 17.00 10.51 -36.37
N TYR B 573 17.80 11.27 -37.11
CA TYR B 573 18.63 10.67 -38.14
C TYR B 573 19.63 9.69 -37.55
N LEU B 574 20.26 10.08 -36.45
CA LEU B 574 21.28 9.22 -35.83
C LEU B 574 20.66 7.91 -35.36
N HIS B 575 19.56 7.99 -34.63
CA HIS B 575 18.98 6.72 -34.21
C HIS B 575 18.19 6.03 -35.31
N ARG B 576 18.11 6.61 -36.50
CA ARG B 576 17.63 5.85 -37.65
C ARG B 576 18.74 5.18 -38.43
N VAL B 577 20.00 5.63 -38.30
CA VAL B 577 21.09 4.92 -38.96
C VAL B 577 21.80 3.93 -38.05
N ILE B 578 21.39 3.83 -36.78
CA ILE B 578 21.87 2.78 -35.89
C ILE B 578 20.62 2.03 -35.44
N SER B 579 20.80 0.94 -34.68
CA SER B 579 19.65 0.22 -34.13
C SER B 579 20.09 -0.48 -32.87
N LEU B 580 19.20 -1.29 -32.30
CA LEU B 580 19.53 -2.05 -31.11
C LEU B 580 18.51 -3.14 -30.90
N VAL B 581 18.99 -4.31 -30.49
CA VAL B 581 18.16 -5.37 -29.93
C VAL B 581 18.86 -5.87 -28.68
N SER B 582 18.10 -6.17 -27.64
CA SER B 582 18.74 -6.39 -26.34
C SER B 582 18.28 -7.64 -25.63
N GLN B 583 18.76 -7.81 -24.39
CA GLN B 583 18.50 -9.02 -23.63
C GLN B 583 17.03 -9.14 -23.28
N GLU B 584 16.43 -8.07 -22.76
CA GLU B 584 15.00 -8.04 -22.49
C GLU B 584 14.39 -7.02 -23.43
N PRO B 585 14.05 -7.38 -24.65
CA PRO B 585 13.44 -6.41 -25.56
C PRO B 585 12.02 -6.14 -25.15
N VAL B 586 11.74 -4.96 -24.59
CA VAL B 586 10.41 -4.68 -24.12
C VAL B 586 9.50 -4.42 -25.32
N LEU B 587 8.29 -4.93 -25.25
CA LEU B 587 7.28 -4.71 -26.29
C LEU B 587 6.10 -4.02 -25.64
N PHE B 588 5.84 -2.78 -26.03
CA PHE B 588 4.75 -2.04 -25.45
C PHE B 588 3.42 -2.66 -25.85
N ALA B 589 2.42 -2.50 -24.99
CA ALA B 589 1.12 -3.14 -25.16
C ALA B 589 0.37 -2.45 -26.29
N ARG B 590 0.73 -2.82 -27.52
CA ARG B 590 0.12 -2.25 -28.72
C ARG B 590 -0.06 -3.39 -29.72
N SER B 591 -0.32 -3.02 -30.97
CA SER B 591 -0.46 -4.00 -32.03
C SER B 591 0.91 -4.44 -32.54
N ILE B 592 1.01 -5.70 -32.96
CA ILE B 592 2.28 -6.21 -33.45
C ILE B 592 2.61 -5.63 -34.81
N THR B 593 1.64 -5.13 -35.56
CA THR B 593 2.03 -4.33 -36.71
C THR B 593 2.40 -2.90 -36.33
N ASP B 594 2.42 -2.57 -35.04
CA ASP B 594 2.94 -1.31 -34.56
C ASP B 594 4.22 -1.46 -33.76
N ASN B 595 4.31 -2.50 -32.93
CA ASN B 595 5.54 -2.78 -32.21
C ASN B 595 6.70 -2.97 -33.17
N ILE B 596 6.46 -3.57 -34.33
CA ILE B 596 7.53 -3.75 -35.30
C ILE B 596 7.93 -2.41 -35.88
N SER B 597 6.99 -1.72 -36.53
CA SER B 597 7.28 -0.41 -37.10
C SER B 597 6.97 0.63 -36.04
N TYR B 598 7.87 0.75 -35.08
CA TYR B 598 7.58 1.55 -33.90
C TYR B 598 7.81 3.03 -34.14
N GLY B 599 9.05 3.42 -34.39
CA GLY B 599 9.34 4.83 -34.29
C GLY B 599 9.28 5.59 -35.57
N LEU B 600 8.97 4.94 -36.66
CA LEU B 600 9.02 5.58 -37.96
C LEU B 600 7.62 5.68 -38.54
N PRO B 601 7.33 6.72 -39.31
CA PRO B 601 5.92 7.02 -39.65
C PRO B 601 5.30 6.06 -40.65
N THR B 602 4.44 5.18 -40.13
CA THR B 602 3.46 4.35 -40.86
C THR B 602 3.97 3.81 -42.21
N VAL B 603 5.06 3.08 -42.14
CA VAL B 603 5.54 2.36 -43.32
C VAL B 603 4.55 1.25 -43.67
N PRO B 604 4.20 1.07 -44.96
CA PRO B 604 3.14 0.12 -45.32
C PRO B 604 3.42 -1.33 -44.99
N PHE B 605 2.44 -2.19 -45.27
CA PHE B 605 2.41 -3.53 -44.72
C PHE B 605 3.51 -4.41 -45.28
N GLU B 606 3.76 -4.32 -46.59
CA GLU B 606 4.64 -5.28 -47.26
C GLU B 606 6.08 -5.18 -46.77
N MET B 607 6.53 -3.98 -46.38
CA MET B 607 7.85 -3.86 -45.78
C MET B 607 7.91 -4.59 -44.46
N VAL B 608 6.84 -4.50 -43.67
CA VAL B 608 6.78 -5.23 -42.41
C VAL B 608 6.78 -6.73 -42.67
N VAL B 609 6.14 -7.16 -43.75
CA VAL B 609 6.14 -8.59 -44.09
C VAL B 609 7.55 -9.05 -44.44
N GLU B 610 8.25 -8.28 -45.28
CA GLU B 610 9.62 -8.64 -45.63
C GLU B 610 10.51 -8.65 -44.41
N ALA B 611 10.29 -7.73 -43.48
CA ALA B 611 11.10 -7.68 -42.27
C ALA B 611 10.84 -8.88 -41.38
N ALA B 612 9.57 -9.21 -41.14
CA ALA B 612 9.24 -10.34 -40.29
C ALA B 612 9.71 -11.65 -40.90
N GLN B 613 9.72 -11.74 -42.23
CA GLN B 613 10.33 -12.90 -42.88
C GLN B 613 11.84 -12.90 -42.64
N LYS B 614 12.47 -11.74 -42.71
CA LYS B 614 13.92 -11.70 -42.57
C LYS B 614 14.38 -11.84 -41.15
N ALA B 615 13.51 -12.21 -40.21
CA ALA B 615 13.95 -12.59 -38.88
C ALA B 615 13.20 -13.80 -38.37
N ASN B 616 12.58 -14.56 -39.28
CA ASN B 616 11.74 -15.72 -38.96
C ASN B 616 10.64 -15.36 -37.96
N ALA B 617 10.19 -14.11 -38.03
CA ALA B 617 9.05 -13.65 -37.26
C ALA B 617 7.74 -13.93 -37.98
N HIS B 618 7.74 -13.78 -39.31
CA HIS B 618 6.56 -14.00 -40.14
C HIS B 618 6.04 -15.42 -40.05
N GLY B 619 6.87 -16.36 -39.64
CA GLY B 619 6.43 -17.72 -39.41
C GLY B 619 5.29 -17.81 -38.43
N PHE B 620 5.53 -17.44 -37.18
CA PHE B 620 4.48 -17.62 -36.17
C PHE B 620 3.39 -16.57 -36.30
N ILE B 621 3.72 -15.39 -36.85
CA ILE B 621 2.79 -14.26 -36.82
C ILE B 621 1.48 -14.61 -37.53
N MET B 622 1.57 -15.25 -38.68
CA MET B 622 0.36 -15.64 -39.40
C MET B 622 -0.43 -16.71 -38.64
N GLU B 623 0.19 -17.40 -37.69
CA GLU B 623 -0.46 -18.43 -36.90
C GLU B 623 -0.98 -17.93 -35.56
N LEU B 624 -0.95 -16.63 -35.31
CA LEU B 624 -1.59 -16.10 -34.12
C LEU B 624 -3.10 -15.93 -34.37
N GLN B 625 -3.80 -15.39 -33.37
CA GLN B 625 -5.26 -15.38 -33.41
C GLN B 625 -5.83 -14.46 -34.48
N ASP B 626 -5.03 -13.54 -35.00
CA ASP B 626 -5.49 -12.67 -36.09
C ASP B 626 -4.47 -12.51 -37.20
N GLY B 627 -3.20 -12.85 -36.97
CA GLY B 627 -2.17 -12.56 -37.94
C GLY B 627 -1.23 -11.48 -37.46
N TYR B 628 -1.25 -10.33 -38.13
CA TYR B 628 -0.33 -9.26 -37.77
C TYR B 628 -0.88 -8.33 -36.70
N SER B 629 -2.19 -8.09 -36.70
CA SER B 629 -2.78 -7.14 -35.76
C SER B 629 -3.16 -7.77 -34.43
N THR B 630 -2.52 -8.87 -34.06
CA THR B 630 -2.79 -9.48 -32.77
C THR B 630 -2.16 -8.64 -31.68
N GLU B 631 -2.88 -7.63 -31.20
CA GLU B 631 -2.35 -6.70 -30.21
C GLU B 631 -1.89 -7.45 -28.97
N THR B 632 -0.72 -7.06 -28.46
CA THR B 632 -0.10 -7.78 -27.34
C THR B 632 -0.86 -7.47 -26.06
N GLY B 633 -2.01 -8.11 -25.91
CA GLY B 633 -2.88 -7.90 -24.79
C GLY B 633 -2.36 -8.57 -23.52
N GLU B 634 -3.31 -8.89 -22.64
CA GLU B 634 -3.09 -9.41 -21.28
C GLU B 634 -1.88 -8.73 -20.63
N LYS B 635 -1.99 -7.41 -20.49
CA LYS B 635 -0.95 -6.47 -20.08
C LYS B 635 0.41 -6.77 -20.72
N GLY B 636 0.40 -7.15 -22.00
CA GLY B 636 1.61 -7.33 -22.77
C GLY B 636 2.58 -8.36 -22.21
N ALA B 637 2.07 -9.55 -21.88
CA ALA B 637 2.91 -10.59 -21.30
C ALA B 637 2.54 -11.97 -21.84
N GLN B 638 2.11 -12.06 -23.10
CA GLN B 638 1.66 -13.33 -23.64
C GLN B 638 2.72 -14.05 -24.47
N LEU B 639 3.59 -13.33 -25.15
CA LEU B 639 4.58 -14.00 -26.00
C LEU B 639 5.76 -14.48 -25.17
N SER B 640 6.53 -15.39 -25.76
CA SER B 640 7.68 -15.98 -25.10
C SER B 640 8.96 -15.41 -25.66
N GLY B 641 10.10 -15.85 -25.10
CA GLY B 641 11.37 -15.21 -25.38
C GLY B 641 11.84 -15.35 -26.82
N GLY B 642 11.53 -16.46 -27.46
CA GLY B 642 11.97 -16.70 -28.82
C GLY B 642 11.35 -15.74 -29.81
N GLN B 643 10.01 -15.72 -29.84
CA GLN B 643 9.32 -14.74 -30.66
C GLN B 643 9.63 -13.33 -30.22
N LYS B 644 9.92 -13.12 -28.93
CA LYS B 644 10.29 -11.80 -28.45
C LYS B 644 11.55 -11.29 -29.13
N GLN B 645 12.62 -12.08 -29.05
CA GLN B 645 13.87 -11.64 -29.69
C GLN B 645 13.74 -11.60 -31.20
N ARG B 646 12.94 -12.48 -31.79
CA ARG B 646 12.81 -12.45 -33.25
C ARG B 646 12.03 -11.23 -33.71
N VAL B 647 10.99 -10.83 -32.97
CA VAL B 647 10.26 -9.64 -33.39
C VAL B 647 11.07 -8.40 -33.10
N ALA B 648 11.92 -8.43 -32.08
CA ALA B 648 12.82 -7.31 -31.85
C ALA B 648 13.80 -7.17 -33.01
N MET B 649 14.35 -8.29 -33.46
CA MET B 649 15.22 -8.28 -34.64
C MET B 649 14.47 -7.77 -35.86
N ALA B 650 13.18 -8.11 -35.96
CA ALA B 650 12.37 -7.54 -37.02
C ALA B 650 12.26 -6.04 -36.87
N ARG B 651 12.23 -5.54 -35.63
CA ARG B 651 12.03 -4.12 -35.39
C ARG B 651 13.23 -3.31 -35.84
N ALA B 652 14.43 -3.84 -35.63
CA ALA B 652 15.62 -3.13 -36.05
C ALA B 652 15.83 -3.20 -37.55
N LEU B 653 15.38 -4.27 -38.20
CA LEU B 653 15.65 -4.46 -39.61
C LEU B 653 14.75 -3.65 -40.51
N VAL B 654 13.66 -3.09 -39.98
CA VAL B 654 12.72 -2.34 -40.81
C VAL B 654 13.39 -1.10 -41.37
N ARG B 655 14.24 -0.46 -40.58
CA ARG B 655 14.79 0.84 -40.93
C ARG B 655 15.87 0.75 -42.01
N ASN B 656 16.33 -0.46 -42.33
CA ASN B 656 17.50 -0.71 -43.18
C ASN B 656 18.69 0.09 -42.65
N PRO B 657 19.25 -0.30 -41.51
CA PRO B 657 20.26 0.53 -40.87
C PRO B 657 21.65 0.16 -41.32
N PRO B 658 22.50 1.15 -41.63
CA PRO B 658 23.88 0.84 -41.97
C PRO B 658 24.71 0.29 -40.83
N VAL B 659 24.29 0.46 -39.58
CA VAL B 659 24.97 -0.10 -38.43
C VAL B 659 23.96 -0.96 -37.68
N LEU B 660 24.43 -1.80 -36.77
CA LEU B 660 23.52 -2.57 -35.95
C LEU B 660 24.23 -2.95 -34.67
N ILE B 661 23.49 -2.98 -33.56
CA ILE B 661 24.04 -3.32 -32.26
C ILE B 661 23.17 -4.42 -31.69
N LEU B 662 23.71 -5.62 -31.60
CA LEU B 662 22.94 -6.80 -31.30
C LEU B 662 23.40 -7.37 -29.96
N ASP B 663 22.49 -8.00 -29.25
CA ASP B 663 22.82 -8.61 -27.97
C ASP B 663 22.20 -10.00 -27.92
N GLU B 664 22.76 -10.86 -27.06
CA GLU B 664 22.40 -12.27 -27.07
C GLU B 664 22.08 -12.75 -25.66
N ALA B 665 21.04 -13.58 -25.55
CA ALA B 665 20.54 -14.03 -24.26
C ALA B 665 21.56 -14.89 -23.55
N THR B 666 21.53 -14.84 -22.21
CA THR B 666 22.47 -15.61 -21.40
C THR B 666 22.17 -17.11 -21.46
N SER B 667 20.90 -17.48 -21.53
CA SER B 667 20.56 -18.90 -21.67
C SER B 667 20.72 -19.38 -23.09
N ALA B 668 20.44 -18.51 -24.07
CA ALA B 668 20.58 -18.80 -25.50
C ALA B 668 19.77 -20.01 -25.92
N LEU B 669 18.62 -20.22 -25.28
CA LEU B 669 17.77 -21.38 -25.55
C LEU B 669 16.84 -21.17 -26.74
N ASP B 670 17.03 -20.11 -27.51
CA ASP B 670 16.15 -19.80 -28.63
C ASP B 670 16.54 -20.67 -29.83
N ALA B 671 15.99 -20.35 -31.00
CA ALA B 671 16.32 -21.10 -32.20
C ALA B 671 17.80 -20.96 -32.57
N GLU B 672 18.39 -19.80 -32.28
CA GLU B 672 19.80 -19.48 -32.44
C GLU B 672 20.24 -19.41 -33.90
N SER B 673 19.37 -19.75 -34.85
CA SER B 673 19.71 -19.62 -36.25
C SER B 673 19.76 -18.16 -36.69
N GLU B 674 19.07 -17.28 -35.97
CA GLU B 674 18.99 -15.88 -36.36
C GLU B 674 20.35 -15.19 -36.31
N TYR B 675 21.14 -15.47 -35.27
CA TYR B 675 22.42 -14.80 -35.12
C TYR B 675 23.44 -15.30 -36.12
N LEU B 676 23.52 -16.63 -36.30
CA LEU B 676 24.45 -17.17 -37.28
C LEU B 676 24.06 -16.77 -38.69
N ILE B 677 22.76 -16.68 -38.97
CA ILE B 677 22.32 -16.22 -40.27
C ILE B 677 22.61 -14.73 -40.42
N GLN B 678 22.58 -13.97 -39.32
CA GLN B 678 23.01 -12.58 -39.36
C GLN B 678 24.48 -12.48 -39.72
N GLN B 679 25.29 -13.38 -39.18
CA GLN B 679 26.67 -13.50 -39.62
C GLN B 679 26.81 -14.08 -41.02
N ALA B 680 25.72 -14.61 -41.58
CA ALA B 680 25.79 -15.28 -42.88
C ALA B 680 24.90 -14.67 -43.95
N ILE B 681 23.61 -14.41 -43.67
CA ILE B 681 22.65 -13.96 -44.67
C ILE B 681 22.05 -12.61 -44.31
N HIS B 682 21.60 -12.45 -43.06
CA HIS B 682 20.92 -11.22 -42.68
C HIS B 682 21.85 -10.02 -42.73
N GLY B 683 23.10 -10.18 -42.35
CA GLY B 683 24.02 -9.06 -42.28
C GLY B 683 25.28 -9.21 -43.09
N ASN B 684 25.55 -10.42 -43.58
CA ASN B 684 26.76 -10.67 -44.37
C ASN B 684 26.54 -10.47 -45.86
N LEU B 685 25.34 -10.74 -46.37
CA LEU B 685 25.02 -10.50 -47.77
C LEU B 685 24.43 -9.11 -48.00
N GLN B 686 24.70 -8.15 -47.11
CA GLN B 686 24.25 -6.78 -47.30
C GLN B 686 25.11 -5.86 -46.43
N ARG B 687 24.95 -4.57 -46.66
CA ARG B 687 25.68 -3.54 -45.91
C ARG B 687 25.10 -3.44 -44.51
N HIS B 688 25.76 -4.10 -43.54
CA HIS B 688 25.31 -4.08 -42.16
C HIS B 688 26.54 -4.18 -41.27
N THR B 689 27.05 -3.04 -40.82
CA THR B 689 28.26 -3.04 -40.00
C THR B 689 27.95 -3.58 -38.61
N VAL B 690 27.63 -4.86 -38.53
CA VAL B 690 27.02 -5.43 -37.34
C VAL B 690 28.03 -5.52 -36.22
N LEU B 691 27.58 -5.23 -35.00
CA LEU B 691 28.33 -5.49 -33.78
C LEU B 691 27.54 -6.49 -32.94
N ILE B 692 28.25 -7.30 -32.16
CA ILE B 692 27.63 -8.32 -31.33
C ILE B 692 28.15 -8.18 -29.91
N ILE B 693 27.30 -8.48 -28.93
CA ILE B 693 27.69 -8.63 -27.53
C ILE B 693 27.29 -10.03 -27.11
N ALA B 694 28.28 -10.91 -26.94
CA ALA B 694 28.02 -12.34 -26.81
C ALA B 694 28.46 -12.84 -25.45
N HIS B 695 27.49 -13.32 -24.65
CA HIS B 695 27.78 -14.08 -23.45
C HIS B 695 27.94 -15.56 -23.78
N ARG B 696 26.89 -16.15 -24.36
CA ARG B 696 26.97 -17.52 -24.85
C ARG B 696 27.92 -17.58 -26.04
N LEU B 697 28.97 -18.39 -25.93
CA LEU B 697 30.06 -18.38 -26.89
C LEU B 697 29.75 -19.17 -28.15
N SER B 698 28.48 -19.45 -28.43
CA SER B 698 28.10 -20.21 -29.61
C SER B 698 28.36 -19.46 -30.92
N THR B 699 28.72 -18.18 -30.85
CA THR B 699 28.97 -17.39 -32.05
C THR B 699 30.44 -17.00 -32.22
N VAL B 700 31.30 -17.34 -31.26
CA VAL B 700 32.72 -17.06 -31.39
C VAL B 700 33.33 -17.79 -32.58
N GLU B 701 32.70 -18.88 -33.00
CA GLU B 701 33.23 -19.73 -34.05
C GLU B 701 33.25 -19.03 -35.41
N ARG B 702 32.54 -17.93 -35.56
CA ARG B 702 32.59 -17.16 -36.80
C ARG B 702 32.47 -15.68 -36.47
N ALA B 703 33.41 -14.89 -36.97
CA ALA B 703 33.45 -13.44 -36.76
C ALA B 703 34.45 -12.86 -37.74
N HIS B 704 34.77 -11.58 -37.58
CA HIS B 704 35.83 -10.94 -38.33
C HIS B 704 36.94 -10.41 -37.46
N LEU B 705 36.61 -9.57 -36.48
CA LEU B 705 37.61 -8.96 -35.60
C LEU B 705 37.07 -9.06 -34.18
N ILE B 706 37.31 -10.18 -33.52
CA ILE B 706 36.89 -10.34 -32.13
C ILE B 706 37.83 -9.51 -31.28
N VAL B 707 37.34 -8.41 -30.74
CA VAL B 707 38.13 -7.52 -29.90
C VAL B 707 37.75 -7.89 -28.48
N VAL B 708 38.48 -8.84 -27.90
CA VAL B 708 38.23 -9.19 -26.51
C VAL B 708 38.82 -8.11 -25.62
N LEU B 709 38.16 -7.86 -24.50
CA LEU B 709 38.54 -6.75 -23.63
C LEU B 709 38.48 -7.21 -22.19
N ASP B 710 39.19 -6.45 -21.34
CA ASP B 710 39.09 -6.64 -19.90
C ASP B 710 39.53 -5.35 -19.22
N LYS B 711 38.92 -5.09 -18.06
CA LYS B 711 39.22 -3.93 -17.22
C LYS B 711 39.10 -2.61 -17.99
N GLY B 712 38.26 -2.61 -19.02
CA GLY B 712 38.14 -1.43 -19.85
C GLY B 712 39.35 -1.16 -20.73
N ARG B 713 39.96 -2.21 -21.27
CA ARG B 713 41.10 -2.02 -22.16
C ARG B 713 41.13 -3.16 -23.19
N VAL B 714 41.59 -2.81 -24.39
CA VAL B 714 41.74 -3.78 -25.47
C VAL B 714 43.01 -4.60 -25.25
N VAL B 715 42.91 -5.92 -25.39
CA VAL B 715 44.04 -6.82 -25.22
C VAL B 715 44.33 -7.61 -26.49
N GLN B 716 43.31 -8.06 -27.22
CA GLN B 716 43.51 -8.80 -28.44
C GLN B 716 42.58 -8.32 -29.54
N GLN B 717 43.06 -8.44 -30.77
CA GLN B 717 42.27 -8.12 -31.95
C GLN B 717 42.38 -9.25 -32.96
N GLY B 718 41.90 -9.04 -34.18
CA GLY B 718 41.99 -10.06 -35.21
C GLY B 718 41.03 -11.21 -34.97
N THR B 719 41.12 -12.20 -35.85
CA THR B 719 40.21 -13.34 -35.83
C THR B 719 40.50 -14.21 -34.61
N HIS B 720 39.49 -14.96 -34.16
CA HIS B 720 39.63 -15.82 -32.98
C HIS B 720 40.53 -17.03 -33.22
N GLN B 721 40.92 -17.30 -34.46
CA GLN B 721 41.98 -18.26 -34.70
C GLN B 721 43.26 -17.80 -34.04
N GLN B 722 43.62 -16.52 -34.21
CA GLN B 722 44.78 -15.97 -33.54
C GLN B 722 44.57 -15.92 -32.03
N LEU B 723 43.32 -15.80 -31.58
CA LEU B 723 43.03 -15.93 -30.16
C LEU B 723 43.36 -17.33 -29.66
N LEU B 724 43.08 -18.35 -30.48
CA LEU B 724 43.49 -19.70 -30.13
C LEU B 724 45.00 -19.86 -30.30
N ALA B 725 45.59 -19.18 -31.28
CA ALA B 725 47.04 -19.24 -31.47
C ALA B 725 47.78 -18.55 -30.33
N GLN B 726 47.37 -17.32 -30.01
CA GLN B 726 47.89 -16.62 -28.84
C GLN B 726 46.86 -16.80 -27.72
N GLY B 727 46.93 -17.96 -27.08
CA GLY B 727 45.93 -18.35 -26.11
C GLY B 727 45.99 -17.59 -24.79
N GLY B 728 45.86 -16.27 -24.85
CA GLY B 728 45.84 -15.43 -23.68
C GLY B 728 44.44 -14.84 -23.49
N LEU B 729 43.93 -14.97 -22.27
CA LEU B 729 42.65 -14.46 -21.79
C LEU B 729 41.44 -15.09 -22.48
N TYR B 730 41.63 -15.97 -23.46
CA TYR B 730 40.53 -16.57 -24.19
C TYR B 730 40.52 -18.09 -24.08
N ALA B 731 41.68 -18.73 -24.26
CA ALA B 731 41.75 -20.17 -24.16
C ALA B 731 41.44 -20.67 -22.76
N LYS B 732 41.57 -19.80 -21.75
CA LYS B 732 41.13 -20.16 -20.41
C LYS B 732 39.62 -20.29 -20.34
N LEU B 733 38.90 -19.48 -21.12
CA LEU B 733 37.45 -19.46 -21.04
C LEU B 733 36.83 -20.67 -21.72
N VAL B 734 37.40 -21.09 -22.86
CA VAL B 734 36.81 -22.20 -23.61
C VAL B 734 36.93 -23.51 -22.85
N GLN B 735 37.90 -23.63 -21.94
CA GLN B 735 37.93 -24.78 -21.05
C GLN B 735 36.95 -24.62 -19.90
N ARG B 736 36.69 -23.38 -19.47
CA ARG B 736 35.69 -23.14 -18.45
C ARG B 736 34.28 -23.45 -18.94
N GLN B 737 34.07 -23.42 -20.26
CA GLN B 737 32.75 -23.75 -20.80
C GLN B 737 32.47 -25.24 -20.71
N MET B 738 33.41 -26.05 -21.20
CA MET B 738 33.23 -27.51 -21.20
C MET B 738 33.33 -28.07 -19.79
C48 PGT C . -32.18 25.87 4.37
C47 PGT C . -33.38 26.31 3.55
C46 PGT C . -34.29 27.17 4.42
C45 PGT C . -35.41 27.78 3.58
C44 PGT C . -36.26 28.69 4.45
C43 PGT C . -36.83 27.87 5.60
C42 PGT C . -37.32 28.79 6.70
C41 PGT C . -37.32 28.05 8.04
C40 PGT C . -35.87 27.75 8.44
C39 PGT C . -35.15 29.06 8.71
C38 PGT C . -33.87 29.09 7.90
C37 PGT C . -32.72 28.55 8.73
C36 PGT C . -31.59 28.16 7.79
C35 PGT C . -30.31 27.85 8.57
C34 PGT C . -30.61 27.17 9.90
C33 PGT C . -29.60 26.05 10.18
C32 PGT C . -29.35 25.94 11.69
C31 PGT C . -30.55 25.27 12.38
O31 PGT C . -31.38 24.65 11.71
O2 PGT C . -30.58 25.38 13.73
C2 PGT C . -31.86 25.02 14.26
C1 PGT C . -32.18 25.92 15.46
O3P PGT C . -33.59 26.03 15.65
P PGT C . -34.21 27.31 16.39
O1P PGT C . -35.47 27.01 17.06
O2P PGT C . -33.12 27.92 17.18
O4P PGT C . -34.54 28.21 15.13
C4 PGT C . -35.13 27.63 13.98
C5 PGT C . -36.27 28.54 13.58
O5 PGT C . -37.27 28.45 14.58
C6 PGT C . -36.88 28.12 12.25
O6 PGT C . -38.11 28.81 12.08
C3 PGT C . -31.84 23.55 14.71
O3 PGT C . -30.60 23.22 15.33
C11 PGT C . -30.70 21.99 15.92
O11 PGT C . -30.20 20.97 15.46
C12 PGT C . -31.51 21.97 17.22
C13 PGT C . -30.99 20.90 18.19
C14 PGT C . -30.88 21.48 19.61
C15 PGT C . -32.15 22.21 20.02
C16 PGT C . -31.81 23.62 20.51
C17 PGT C . -32.92 24.13 21.43
C18 PGT C . -32.67 25.59 21.83
C19 PGT C . -31.28 25.79 22.42
C20 PGT C . -31.34 25.86 23.94
C21 PGT C . -31.11 24.46 24.54
C22 PGT C . -29.75 24.38 25.22
C23 PGT C . -29.09 23.07 24.85
C24 PGT C . -28.24 23.29 23.60
C25 PGT C . -27.75 21.96 23.05
C26 PGT C . -27.33 22.15 21.59
#